data_7JVR
#
_entry.id   7JVR
#
_cell.length_a   1.00
_cell.length_b   1.00
_cell.length_c   1.00
_cell.angle_alpha   90.00
_cell.angle_beta   90.00
_cell.angle_gamma   90.00
#
_symmetry.space_group_name_H-M   'P 1'
#
loop_
_entity.id
_entity.type
_entity.pdbx_description
1 polymer 'Soluble cytochrome b562,D(2) dopamine receptor'
2 polymer 'Guanine nucleotide-binding protein G(i) subunit alpha-1'
3 polymer 'Guanine nucleotide-binding protein G(I)/G(S)/G(T) subunit beta-1'
4 polymer 'Guanine nucleotide-binding protein G(I)/G(S)/G(O) subunit gamma-2'
5 polymer 'Antibody fragment ScFv16'
6 non-polymer bromoergocryptine
#
loop_
_entity_poly.entity_id
_entity_poly.type
_entity_poly.pdbx_seq_one_letter_code
_entity_poly.pdbx_strand_id
1 'polypeptide(L)'
;DYKDDDDAKLQTMHHHHHHHHHHHHHHHADLEDNWETLNDNLKVIEKADNAAQVKDALTKMRAAALDAQKATPPKLEDKS
PDSPEMKDFRHGFDILVGQIDDALKLANEGKVKEAQAAAEQLKTTRNAYIQKYLASENLYFQGGTMDPLNLSWYDDDLER
QNWSRPFNGSDGKADRPHYNYYATLLTLLIAVIVFGNVLVCMAVSREKALQTTTNYLIVSLAVADLLVATLVMPWVVYLE
VVGEWKFSRIHCDIFVTLDVMMCTASILNLCAISIDRYTAVAMPMLYNTRYSSKRRVTVMISIVWVLSFTISCPLLFGLN
NADQNECIIANPAFVVYSSIVSFYVPFIVTLLVYIKIYIVLRRRRKRVNTKRSSRAFRAHLRAPLKGNCTHPEDMKLCTV
IMKSNGSFPVNRRRVEAARRAQELEMEMLSSTSPPERTRYSPIPPSHHQLTLPDPSHHGLHSTPDSPAKPEKNGHAKDHP
KIAKIFEIQTMPNGKTRTSLKTMSRRKLSQQKEKKATQMLAIVLGVFIICWLPFFITHILNIHCDCNIPPVLYSAFTWLG
YVNSAVNPIIYTTFNIEFRKAFLKILHC
;
R
2 'polypeptide(L)'
;MGCTLSAEDKAAVERSKMIDRNLREDGEKAAREVKLLLLGAGESGKNTIVKQMKIIHEAGYSEEECKQYKAVVYSNTIQS
IIAIIRAMGRLKIDFGDSARADDARQLFVLAGAAEEGFMTAELAGVIKRLWKDSGVQACFNRSREYQLNDSAAYYLNDLD
RIAQPNYIPTQQDVLRTRVKTTGIVETHFTFKDLHFKMFDVGAQRSERKKWIHCFEGVTAIIFCVALSDYDLVLAEDEEM
NRMHASMKLFDSICNNKWFTDTSIILFLNKKDLFEEKIKKSPLTICYPEYAGSNTYEEAAAYIQCQFEDLNKRKDTKEIY
THFTCSTDTKNVQFVFDAVTDVIIKNNLKDCGLF
;
A
3 'polypeptide(L)'
;MGSLLQSELDQLRQEAEQLKNQIRDARKACADATLSQITNNIDPVGRIQMRTRRTLRGHLAKIYAMHWGTDSRLLVSASQ
DGKLIIWDSYTTNKVHAIPLRSSWVMTCAYAPSGNYVACGGLDNICSIYNLKTREGNVRVSRELAGHTGYLSCCRFLDDN
QIVTSSGDTTCALWDIETGQQTTTFTGHTGDVMSLSLAPDTRLFVSGACDASAKLWDVREGMCRQTFTGHESDINAICFF
PNGNAFATGSDDATCRLFDLRADQELMTYSHDNIICGITSVSFSKSGRLLLAGYDDFNCNVWDALKADRAGVLAGHDNRV
SCLGVTDDGMAVATGSWDSFLKIWNGSS
;
B
4 'polypeptide(L)' MASNNTASIAQARKLVEQLKMEANIDRIKVSKAAADLMAYCEAHAKEDPLLTPVPASENPFREKKFFCAIL C
5 'polypeptide(L)'
;DVQLVESGGGLVQPGGSRKLSCSASGFAFSSFGMHWVRQAPEKGLEWVAYISSGSGTIYYADTVKGRFTISRDDPKNTLF
LQMTSLRSEDTAMYYCVRSIYYYGSSPFDFWGQGTTLTVSSGGGGSGGGGSGGGGSDIVMTQATSSVPVTPGESVSISCR
SSKSLLHSNGNTYLYWFLQRPGQSPQLLIYRMSNLASGVPDRFSGSGSGTAFTLTISRLEAEDVGVYYCMQHLEYPLTFG
AGTKLELKGSLEVLFQGPAAAHHHHHHHH
;
E
#
# COMPACT_ATOMS: atom_id res chain seq x y z
N TYR A 179 7.52 6.64 59.84
CA TYR A 179 6.79 5.38 59.96
C TYR A 179 7.27 4.37 58.92
N ASN A 180 7.88 3.28 59.41
CA ASN A 180 8.40 2.25 58.50
C ASN A 180 7.27 1.41 57.94
N TYR A 181 6.27 1.08 58.76
CA TYR A 181 5.14 0.26 58.32
C TYR A 181 4.31 0.98 57.26
N TYR A 182 4.14 2.30 57.43
CA TYR A 182 3.43 3.10 56.43
C TYR A 182 4.21 3.17 55.13
N ALA A 183 5.54 3.16 55.21
CA ALA A 183 6.40 3.19 54.02
C ALA A 183 6.28 1.91 53.20
N THR A 184 6.07 0.77 53.86
CA THR A 184 6.00 -0.52 53.17
C THR A 184 4.81 -0.61 52.22
N LEU A 185 3.64 -0.14 52.63
CA LEU A 185 2.46 -0.16 51.76
C LEU A 185 2.63 0.77 50.57
N LEU A 186 3.29 1.91 50.79
CA LEU A 186 3.54 2.87 49.71
C LEU A 186 4.51 2.31 48.67
N THR A 187 5.47 1.50 49.11
CA THR A 187 6.43 0.88 48.20
C THR A 187 5.72 -0.04 47.20
N LEU A 188 4.70 -0.77 47.68
CA LEU A 188 3.92 -1.67 46.83
C LEU A 188 3.22 -0.92 45.70
N LEU A 189 2.72 0.29 46.00
CA LEU A 189 2.04 1.13 45.01
C LEU A 189 2.94 1.44 43.82
N ILE A 190 4.24 1.66 44.08
CA ILE A 190 5.21 1.99 43.03
C ILE A 190 5.28 0.89 41.98
N ALA A 191 5.27 -0.38 42.43
CA ALA A 191 5.29 -1.52 41.52
C ALA A 191 4.02 -1.58 40.67
N VAL A 192 2.86 -1.29 41.27
CA VAL A 192 1.58 -1.39 40.58
C VAL A 192 1.49 -0.37 39.44
N ILE A 193 1.97 0.85 39.65
CA ILE A 193 1.94 1.89 38.62
C ILE A 193 2.84 1.50 37.45
N VAL A 194 4.03 0.99 37.75
CA VAL A 194 4.99 0.61 36.71
C VAL A 194 4.49 -0.60 35.92
N PHE A 195 3.92 -1.60 36.61
CA PHE A 195 3.50 -2.85 35.98
C PHE A 195 2.42 -2.64 34.92
N GLY A 196 1.36 -1.91 35.27
CA GLY A 196 0.29 -1.66 34.32
C GLY A 196 0.72 -0.83 33.12
N ASN A 197 1.46 0.25 33.38
CA ASN A 197 1.82 1.22 32.35
C ASN A 197 2.86 0.66 31.36
N VAL A 198 3.81 -0.15 31.83
CA VAL A 198 4.82 -0.71 30.93
C VAL A 198 4.17 -1.66 29.92
N LEU A 199 3.25 -2.51 30.39
CA LEU A 199 2.61 -3.49 29.52
C LEU A 199 1.76 -2.83 28.43
N VAL A 200 1.01 -1.78 28.77
CA VAL A 200 0.14 -1.13 27.79
C VAL A 200 0.97 -0.43 26.70
N CYS A 201 2.09 0.21 27.07
CA CYS A 201 2.93 0.89 26.10
C CYS A 201 3.57 -0.08 25.12
N MET A 202 4.02 -1.24 25.60
CA MET A 202 4.64 -2.24 24.74
C MET A 202 3.61 -2.88 23.82
N ALA A 203 2.40 -3.11 24.32
CA ALA A 203 1.33 -3.74 23.53
C ALA A 203 0.96 -2.92 22.30
N VAL A 204 0.90 -1.58 22.45
CA VAL A 204 0.49 -0.70 21.37
C VAL A 204 1.48 -0.75 20.21
N SER A 205 2.78 -0.79 20.53
CA SER A 205 3.82 -0.85 19.50
C SER A 205 3.79 -2.18 18.75
N ARG A 206 3.56 -3.29 19.46
CA ARG A 206 3.60 -4.61 18.84
C ARG A 206 2.44 -4.83 17.87
N GLU A 207 1.22 -4.45 18.25
CA GLU A 207 0.03 -4.77 17.47
C GLU A 207 -0.44 -3.55 16.69
N LYS A 208 -0.71 -3.75 15.40
CA LYS A 208 -1.20 -2.67 14.55
C LYS A 208 -2.65 -2.31 14.89
N ALA A 209 -3.42 -3.27 15.41
CA ALA A 209 -4.78 -3.00 15.85
C ALA A 209 -4.83 -2.01 16.99
N LEU A 210 -3.81 -2.01 17.85
CA LEU A 210 -3.76 -1.09 18.99
C LEU A 210 -3.13 0.25 18.63
N GLN A 211 -2.81 0.49 17.36
CA GLN A 211 -2.17 1.71 16.92
C GLN A 211 -3.16 2.78 16.45
N THR A 212 -4.42 2.72 16.89
CA THR A 212 -5.41 3.67 16.40
C THR A 212 -5.22 5.04 17.08
N THR A 213 -6.11 5.96 16.73
CA THR A 213 -5.95 7.37 17.07
C THR A 213 -6.08 7.63 18.56
N THR A 214 -7.13 7.08 19.19
CA THR A 214 -7.37 7.27 20.62
C THR A 214 -6.27 6.65 21.47
N ASN A 215 -5.77 5.47 21.07
CA ASN A 215 -4.78 4.74 21.86
C ASN A 215 -3.47 5.51 22.03
N TYR A 216 -3.07 6.29 21.02
CA TYR A 216 -1.84 7.08 21.10
C TYR A 216 -1.90 8.07 22.26
N LEU A 217 -3.06 8.69 22.48
CA LEU A 217 -3.22 9.57 23.63
C LEU A 217 -3.19 8.79 24.94
N ILE A 218 -3.69 7.55 24.93
CA ILE A 218 -3.62 6.69 26.11
C ILE A 218 -2.17 6.36 26.44
N VAL A 219 -1.33 6.20 25.41
CA VAL A 219 0.10 5.98 25.60
C VAL A 219 0.75 7.18 26.29
N SER A 220 0.34 8.39 25.87
CA SER A 220 0.80 9.65 26.51
C SER A 220 0.49 9.64 28.00
N LEU A 221 -0.72 9.20 28.38
CA LEU A 221 -1.08 9.10 29.79
C LEU A 221 -0.23 8.06 30.50
N ALA A 222 -0.02 6.91 29.85
CA ALA A 222 0.78 5.84 30.42
C ALA A 222 2.25 6.25 30.59
N VAL A 223 2.77 7.01 29.62
CA VAL A 223 4.14 7.52 29.73
C VAL A 223 4.23 8.56 30.85
N ALA A 224 3.20 9.42 30.95
CA ALA A 224 3.15 10.43 32.01
C ALA A 224 3.08 9.77 33.38
N ASP A 225 2.29 8.70 33.51
CA ASP A 225 2.20 7.95 34.76
C ASP A 225 3.54 7.32 35.13
N LEU A 226 4.26 6.78 34.12
CA LEU A 226 5.58 6.21 34.37
C LEU A 226 6.55 7.27 34.86
N LEU A 227 6.46 8.49 34.32
CA LEU A 227 7.31 9.59 34.78
C LEU A 227 6.97 9.95 36.22
N VAL A 228 5.68 9.88 36.58
CA VAL A 228 5.30 10.06 37.98
C VAL A 228 5.86 8.91 38.82
N ALA A 229 5.77 7.69 38.29
CA ALA A 229 6.24 6.50 39.00
C ALA A 229 7.76 6.46 39.17
N THR A 230 8.52 6.99 38.22
CA THR A 230 9.96 6.91 38.27
C THR A 230 10.64 8.22 38.68
N LEU A 231 10.33 9.32 38.02
CA LEU A 231 10.99 10.58 38.34
C LEU A 231 10.45 11.21 39.62
N VAL A 232 9.20 10.93 40.00
CA VAL A 232 8.55 11.62 41.08
C VAL A 232 8.31 10.71 42.29
N MET A 233 7.86 9.47 42.06
CA MET A 233 7.34 8.64 43.16
C MET A 233 8.37 8.23 44.21
N PRO A 234 9.59 7.72 43.86
CA PRO A 234 10.55 7.39 44.95
C PRO A 234 10.93 8.58 45.83
N TRP A 235 11.06 9.77 45.23
CA TRP A 235 11.38 10.98 45.98
C TRP A 235 10.26 11.34 46.97
N VAL A 236 9.01 11.12 46.57
CA VAL A 236 7.88 11.38 47.47
C VAL A 236 7.89 10.38 48.63
N VAL A 237 8.12 9.10 48.32
CA VAL A 237 8.17 8.03 49.33
C VAL A 237 9.26 8.31 50.36
N TYR A 238 10.47 8.61 49.87
CA TYR A 238 11.63 8.90 50.73
C TYR A 238 11.35 10.05 51.69
N LEU A 239 10.73 11.13 51.18
CA LEU A 239 10.42 12.32 51.98
C LEU A 239 9.50 11.99 53.16
N GLU A 240 8.59 11.03 52.98
CA GLU A 240 7.65 10.66 54.02
C GLU A 240 8.36 10.00 55.20
N VAL A 241 9.35 9.15 54.92
CA VAL A 241 10.06 8.43 55.99
C VAL A 241 10.91 9.40 56.82
N VAL A 242 11.74 10.20 56.16
CA VAL A 242 12.61 11.13 56.88
C VAL A 242 11.81 12.26 57.52
N GLY A 243 10.74 12.73 56.86
CA GLY A 243 9.95 13.83 57.36
C GLY A 243 10.56 15.20 57.20
N GLU A 244 11.73 15.30 56.56
CA GLU A 244 12.42 16.58 56.41
C GLU A 244 13.29 16.49 55.15
N TRP A 245 13.38 17.60 54.42
CA TRP A 245 14.09 17.61 53.15
C TRP A 245 15.60 17.68 53.42
N LYS A 246 16.28 16.55 53.23
CA LYS A 246 17.71 16.45 53.48
C LYS A 246 18.55 16.73 52.24
N PHE A 247 17.96 16.74 51.05
CA PHE A 247 18.71 16.99 49.83
C PHE A 247 18.97 18.48 49.65
N SER A 248 19.64 18.81 48.55
CA SER A 248 19.98 20.19 48.23
C SER A 248 18.72 21.00 47.89
N ARG A 249 18.85 22.32 48.02
CA ARG A 249 17.75 23.23 47.68
C ARG A 249 17.44 23.20 46.20
N ILE A 250 18.47 23.08 45.36
CA ILE A 250 18.27 23.05 43.91
C ILE A 250 17.55 21.76 43.49
N HIS A 251 17.83 20.66 44.18
CA HIS A 251 17.20 19.38 43.87
C HIS A 251 15.69 19.41 44.12
N CYS A 252 15.27 20.11 45.18
CA CYS A 252 13.84 20.22 45.49
C CYS A 252 13.09 20.99 44.42
N ASP A 253 13.68 22.08 43.90
CA ASP A 253 13.06 22.87 42.85
C ASP A 253 12.82 22.04 41.60
N ILE A 254 13.77 21.17 41.25
CA ILE A 254 13.57 20.23 40.15
C ILE A 254 12.45 19.25 40.49
N PHE A 255 12.46 18.75 41.73
CA PHE A 255 11.42 17.81 42.20
C PHE A 255 10.03 18.43 42.18
N VAL A 256 9.91 19.69 42.60
CA VAL A 256 8.62 20.38 42.56
C VAL A 256 8.18 20.62 41.12
N THR A 257 9.12 21.01 40.26
CA THR A 257 8.81 21.25 38.84
C THR A 257 8.35 19.98 38.14
N LEU A 258 9.02 18.85 38.41
CA LEU A 258 8.63 17.58 37.79
C LEU A 258 7.28 17.10 38.31
N ASP A 259 7.07 17.15 39.63
CA ASP A 259 5.84 16.68 40.26
C ASP A 259 4.61 17.40 39.70
N VAL A 260 4.67 18.73 39.60
CA VAL A 260 3.53 19.49 39.09
C VAL A 260 3.32 19.24 37.60
N MET A 261 4.41 19.20 36.81
CA MET A 261 4.30 19.04 35.36
C MET A 261 3.77 17.67 34.97
N MET A 262 4.32 16.60 35.55
CA MET A 262 3.90 15.25 35.19
C MET A 262 2.46 14.97 35.61
N CYS A 263 2.06 15.46 36.79
CA CYS A 263 0.67 15.30 37.22
C CYS A 263 -0.28 16.11 36.33
N THR A 264 0.11 17.33 35.97
CA THR A 264 -0.69 18.14 35.04
C THR A 264 -0.80 17.48 33.69
N ALA A 265 0.31 16.87 33.22
CA ALA A 265 0.32 16.14 31.96
C ALA A 265 -0.67 14.98 31.98
N SER A 266 -0.77 14.30 33.12
CA SER A 266 -1.73 13.20 33.26
C SER A 266 -3.17 13.71 33.18
N ILE A 267 -3.46 14.81 33.88
CA ILE A 267 -4.80 15.37 33.89
C ILE A 267 -5.17 15.93 32.52
N LEU A 268 -4.25 16.66 31.88
CA LEU A 268 -4.50 17.23 30.56
C LEU A 268 -4.67 16.16 29.49
N ASN A 269 -3.96 15.02 29.62
CA ASN A 269 -4.16 13.91 28.70
C ASN A 269 -5.58 13.38 28.78
N LEU A 270 -6.17 13.36 29.98
CA LEU A 270 -7.55 12.92 30.12
C LEU A 270 -8.50 13.88 29.45
N CYS A 271 -8.19 15.18 29.48
CA CYS A 271 -8.97 16.16 28.73
C CYS A 271 -8.77 15.98 27.24
N ALA A 272 -7.55 15.60 26.84
CA ALA A 272 -7.27 15.31 25.43
C ALA A 272 -8.03 14.09 24.94
N ILE A 273 -8.10 13.04 25.78
CA ILE A 273 -8.91 11.86 25.47
C ILE A 273 -10.38 12.24 25.38
N SER A 274 -10.83 13.10 26.29
CA SER A 274 -12.21 13.60 26.28
C SER A 274 -12.57 14.28 24.97
N ILE A 275 -11.71 15.20 24.51
CA ILE A 275 -11.92 15.89 23.24
C ILE A 275 -11.87 14.91 22.08
N ASP A 276 -10.93 13.96 22.13
CA ASP A 276 -10.81 12.92 21.10
C ASP A 276 -12.07 12.06 21.04
N ARG A 277 -12.56 11.61 22.22
CA ARG A 277 -13.77 10.79 22.26
C ARG A 277 -14.99 11.59 21.85
N TYR A 278 -15.04 12.88 22.20
CA TYR A 278 -16.17 13.73 21.79
C TYR A 278 -16.14 13.97 20.29
N THR A 279 -14.94 14.13 19.72
CA THR A 279 -14.77 14.30 18.27
C THR A 279 -15.38 13.12 17.52
N ALA A 280 -15.11 11.90 18.00
CA ALA A 280 -15.62 10.67 17.38
C ALA A 280 -17.14 10.65 17.32
N VAL A 281 -17.80 11.05 18.39
CA VAL A 281 -19.26 11.00 18.45
C VAL A 281 -19.89 12.17 17.72
N ALA A 282 -19.50 13.39 18.07
CA ALA A 282 -20.08 14.60 17.50
C ALA A 282 -19.80 14.73 16.00
N MET A 283 -18.52 14.70 15.63
CA MET A 283 -18.10 14.92 14.23
C MET A 283 -17.35 13.68 13.75
N PRO A 284 -18.08 12.63 13.34
CA PRO A 284 -17.44 11.35 13.00
C PRO A 284 -16.49 11.41 11.81
N MET A 285 -16.72 12.34 10.87
CA MET A 285 -15.92 12.42 9.64
C MET A 285 -14.46 12.70 9.94
N LEU A 286 -14.18 13.62 10.86
CA LEU A 286 -12.80 14.01 11.17
C LEU A 286 -12.02 12.85 11.80
N TYR A 287 -12.64 12.16 12.76
CA TYR A 287 -11.95 11.08 13.45
C TYR A 287 -11.75 9.85 12.56
N ASN A 288 -12.67 9.64 11.60
CA ASN A 288 -12.60 8.49 10.72
C ASN A 288 -11.37 8.52 9.82
N THR A 289 -11.07 9.70 9.24
CA THR A 289 -9.95 9.85 8.32
C THR A 289 -8.62 9.70 9.07
N ARG A 290 -7.75 8.83 8.56
CA ARG A 290 -6.52 8.48 9.27
C ARG A 290 -5.52 9.63 9.27
N TYR A 291 -5.36 10.32 8.13
CA TYR A 291 -4.37 11.39 8.02
C TYR A 291 -4.73 12.58 8.92
N SER A 292 -6.00 12.99 8.92
CA SER A 292 -6.43 14.09 9.77
C SER A 292 -6.34 13.74 11.24
N SER A 293 -6.70 12.50 11.59
CA SER A 293 -6.63 12.05 12.98
C SER A 293 -5.19 11.99 13.48
N LYS A 294 -4.27 11.55 12.62
CA LYS A 294 -2.85 11.51 12.96
C LYS A 294 -2.32 12.91 13.26
N ARG A 295 -2.77 13.90 12.47
CA ARG A 295 -2.38 15.28 12.70
C ARG A 295 -2.90 15.78 14.05
N ARG A 296 -4.11 15.36 14.43
CA ARG A 296 -4.71 15.75 15.70
C ARG A 296 -3.89 15.25 16.88
N VAL A 297 -3.44 14.00 16.82
CA VAL A 297 -2.66 13.38 17.89
C VAL A 297 -1.37 14.14 18.13
N THR A 298 -0.69 14.54 17.04
CA THR A 298 0.53 15.33 17.15
C THR A 298 0.25 16.67 17.80
N VAL A 299 -0.86 17.31 17.43
CA VAL A 299 -1.27 18.59 18.02
C VAL A 299 -1.64 18.41 19.50
N MET A 300 -2.42 17.37 19.81
CA MET A 300 -2.90 17.16 21.18
C MET A 300 -1.75 16.83 22.14
N ILE A 301 -0.86 15.91 21.76
CA ILE A 301 0.28 15.53 22.61
C ILE A 301 1.19 16.74 22.83
N SER A 302 1.42 17.54 21.79
CA SER A 302 2.24 18.74 21.89
C SER A 302 1.66 19.74 22.88
N ILE A 303 0.36 20.07 22.73
CA ILE A 303 -0.30 21.04 23.61
C ILE A 303 -0.29 20.58 25.06
N VAL A 304 -0.55 19.29 25.30
CA VAL A 304 -0.63 18.75 26.67
C VAL A 304 0.72 18.84 27.39
N TRP A 305 1.79 18.37 26.74
CA TRP A 305 3.10 18.37 27.39
C TRP A 305 3.69 19.77 27.54
N VAL A 306 3.50 20.65 26.53
CA VAL A 306 4.06 21.99 26.61
C VAL A 306 3.33 22.83 27.65
N LEU A 307 2.00 22.72 27.73
CA LEU A 307 1.23 23.47 28.73
C LEU A 307 1.59 23.03 30.14
N SER A 308 1.85 21.74 30.34
CA SER A 308 2.27 21.25 31.64
C SER A 308 3.65 21.80 32.00
N PHE A 309 4.55 21.88 31.01
CA PHE A 309 5.87 22.49 31.22
C PHE A 309 5.74 23.98 31.51
N THR A 310 4.86 24.67 30.79
CA THR A 310 4.63 26.11 30.99
C THR A 310 4.16 26.40 32.41
N ILE A 311 3.26 25.57 32.93
CA ILE A 311 2.74 25.76 34.29
C ILE A 311 3.85 25.57 35.33
N SER A 312 4.72 24.58 35.10
CA SER A 312 5.79 24.28 36.05
C SER A 312 7.04 25.10 35.80
N CYS A 313 7.05 25.90 34.72
CA CYS A 313 8.22 26.73 34.40
C CYS A 313 8.58 27.75 35.49
N PRO A 314 7.65 28.55 36.07
CA PRO A 314 8.07 29.47 37.15
C PRO A 314 8.68 28.80 38.37
N LEU A 315 8.25 27.57 38.69
CA LEU A 315 8.77 26.85 39.85
C LEU A 315 10.25 26.53 39.70
N LEU A 316 10.68 26.25 38.47
CA LEU A 316 12.09 25.91 38.22
C LEU A 316 13.02 27.08 38.51
N PHE A 317 12.59 28.30 38.16
CA PHE A 317 13.38 29.51 38.41
C PHE A 317 13.69 29.70 39.89
N GLY A 318 12.74 29.39 40.76
CA GLY A 318 12.97 29.57 42.18
C GLY A 318 11.86 30.28 42.94
N LEU A 319 10.68 30.40 42.33
CA LEU A 319 9.55 31.03 43.00
C LEU A 319 8.98 30.19 44.15
N ASN A 320 9.38 28.92 44.26
CA ASN A 320 9.16 28.17 45.49
C ASN A 320 9.90 28.85 46.63
N ASN A 321 9.16 29.29 47.63
CA ASN A 321 9.71 30.08 48.73
C ASN A 321 9.96 29.24 49.97
N ALA A 322 10.40 28.00 49.78
CA ALA A 322 10.64 27.08 50.88
C ALA A 322 11.95 27.41 51.61
N ASP A 323 12.02 27.01 52.86
CA ASP A 323 13.24 27.10 53.62
C ASP A 323 14.18 25.96 53.27
N GLN A 324 15.45 26.10 53.67
CA GLN A 324 16.45 25.07 53.37
C GLN A 324 16.22 23.80 54.19
N ASN A 325 15.62 23.91 55.37
CA ASN A 325 15.43 22.76 56.23
C ASN A 325 14.34 21.83 55.70
N GLU A 326 13.13 22.35 55.55
CA GLU A 326 11.99 21.59 55.06
C GLU A 326 11.47 22.26 53.80
N CYS A 327 11.42 21.52 52.70
CA CYS A 327 11.09 22.09 51.39
C CYS A 327 9.69 21.66 50.98
N ILE A 328 8.74 22.59 51.11
CA ILE A 328 7.37 22.42 50.64
C ILE A 328 6.96 23.70 49.95
N ILE A 329 5.97 23.59 49.06
CA ILE A 329 5.48 24.75 48.32
C ILE A 329 4.78 25.70 49.29
N ALA A 330 5.33 26.90 49.46
CA ALA A 330 4.91 27.82 50.50
C ALA A 330 4.34 29.13 49.99
N ASN A 331 4.30 29.35 48.68
CA ASN A 331 3.72 30.57 48.14
C ASN A 331 2.27 30.35 47.75
N PRO A 332 1.31 30.93 48.49
CA PRO A 332 -0.10 30.63 48.21
C PRO A 332 -0.60 31.23 46.90
N ALA A 333 -0.12 32.42 46.54
CA ALA A 333 -0.58 33.13 45.34
C ALA A 333 -0.37 32.32 44.07
N PHE A 334 0.82 31.72 43.91
CA PHE A 334 1.13 30.98 42.69
C PHE A 334 0.28 29.72 42.56
N VAL A 335 0.01 29.02 43.67
CA VAL A 335 -0.72 27.75 43.63
C VAL A 335 -2.15 27.95 43.13
N VAL A 336 -2.80 29.05 43.55
CA VAL A 336 -4.19 29.33 43.15
C VAL A 336 -4.31 29.44 41.64
N TYR A 337 -3.48 30.30 41.02
CA TYR A 337 -3.50 30.46 39.57
C TYR A 337 -3.11 29.17 38.87
N SER A 338 -2.07 28.49 39.36
CA SER A 338 -1.60 27.24 38.76
C SER A 338 -2.65 26.14 38.82
N SER A 339 -3.33 25.99 39.97
CA SER A 339 -4.31 24.91 40.15
C SER A 339 -5.49 25.04 39.18
N ILE A 340 -5.91 26.28 38.91
CA ILE A 340 -7.04 26.53 38.01
C ILE A 340 -6.75 26.00 36.61
N VAL A 341 -5.59 26.37 36.06
CA VAL A 341 -5.21 25.93 34.72
C VAL A 341 -4.91 24.43 34.72
N SER A 342 -4.20 23.95 35.74
CA SER A 342 -3.75 22.55 35.77
C SER A 342 -4.92 21.59 35.95
N PHE A 343 -5.81 21.88 36.88
CA PHE A 343 -6.86 20.94 37.26
C PHE A 343 -8.27 21.45 36.98
N TYR A 344 -8.60 22.67 37.43
CA TYR A 344 -10.00 23.12 37.44
C TYR A 344 -10.55 23.33 36.03
N VAL A 345 -9.81 24.05 35.18
CA VAL A 345 -10.28 24.28 33.81
C VAL A 345 -10.44 23.00 33.00
N PRO A 346 -9.49 22.04 33.00
CA PRO A 346 -9.79 20.76 32.31
C PRO A 346 -10.90 19.96 32.95
N PHE A 347 -11.03 19.98 34.29
CA PHE A 347 -12.09 19.22 34.97
C PHE A 347 -13.47 19.71 34.57
N ILE A 348 -13.64 21.03 34.40
CA ILE A 348 -14.91 21.56 33.91
C ILE A 348 -15.15 21.10 32.48
N VAL A 349 -14.10 21.11 31.66
CA VAL A 349 -14.21 20.63 30.28
C VAL A 349 -14.46 19.12 30.26
N THR A 350 -13.67 18.35 31.02
CA THR A 350 -13.76 16.88 31.03
C THR A 350 -15.13 16.40 31.52
N LEU A 351 -15.66 17.02 32.58
CA LEU A 351 -16.97 16.65 33.08
C LEU A 351 -18.06 17.00 32.05
N LEU A 352 -18.00 18.21 31.49
CA LEU A 352 -18.99 18.63 30.49
C LEU A 352 -18.94 17.77 29.23
N VAL A 353 -17.72 17.45 28.75
CA VAL A 353 -17.57 16.68 27.52
C VAL A 353 -18.15 15.27 27.67
N TYR A 354 -17.81 14.57 28.76
CA TYR A 354 -18.34 13.23 28.97
C TYR A 354 -19.85 13.24 29.18
N ILE A 355 -20.38 14.30 29.82
CA ILE A 355 -21.83 14.49 29.90
C ILE A 355 -22.42 14.61 28.49
N LYS A 356 -21.81 15.47 27.65
CA LYS A 356 -22.26 15.65 26.26
C LYS A 356 -22.19 14.34 25.48
N ILE A 357 -21.13 13.56 25.68
CA ILE A 357 -21.02 12.24 25.05
C ILE A 357 -22.14 11.34 25.56
N TYR A 358 -22.43 11.41 26.86
CA TYR A 358 -23.50 10.63 27.45
C TYR A 358 -24.88 11.07 26.98
N ILE A 359 -25.06 12.37 26.69
CA ILE A 359 -26.35 12.87 26.18
C ILE A 359 -26.65 12.27 24.82
N VAL A 360 -25.65 12.20 23.93
CA VAL A 360 -25.85 11.62 22.61
C VAL A 360 -26.11 10.12 22.71
N LEU A 361 -25.35 9.42 23.57
CA LEU A 361 -25.54 7.98 23.76
C LEU A 361 -26.89 7.66 24.39
N ARG A 362 -27.35 8.48 25.34
CA ARG A 362 -28.68 8.30 25.91
C ARG A 362 -29.76 8.55 24.87
N ARG A 363 -29.62 9.62 24.09
CA ARG A 363 -30.57 9.93 23.03
C ARG A 363 -30.58 8.84 21.96
N ARG A 364 -29.41 8.31 21.62
CA ARG A 364 -29.31 7.23 20.64
C ARG A 364 -29.96 5.96 21.15
N ARG A 365 -29.79 5.67 22.46
CA ARG A 365 -30.39 4.48 23.07
C ARG A 365 -31.92 4.56 23.01
N LYS A 366 -32.49 5.74 23.26
CA LYS A 366 -33.93 5.93 23.20
C LYS A 366 -34.46 5.75 21.79
N ARG A 367 -33.71 6.24 20.78
CA ARG A 367 -34.13 6.11 19.39
C ARG A 367 -34.14 4.65 18.93
N VAL A 368 -33.14 3.86 19.33
CA VAL A 368 -33.08 2.46 18.96
C VAL A 368 -34.22 1.68 19.60
N ASN A 369 -34.50 1.97 20.88
CA ASN A 369 -35.61 1.31 21.58
C ASN A 369 -36.96 1.67 20.98
N THR A 370 -37.13 2.92 20.56
CA THR A 370 -38.38 3.35 19.95
C THR A 370 -38.53 2.81 18.53
N GLN A 510 -28.24 -3.04 22.69
CA GLN A 510 -28.44 -2.54 24.04
C GLN A 510 -27.21 -2.84 24.89
N GLN A 511 -26.48 -3.89 24.51
CA GLN A 511 -25.28 -4.29 25.25
C GLN A 511 -24.15 -3.28 25.08
N LYS A 512 -23.98 -2.76 23.86
CA LYS A 512 -22.95 -1.77 23.61
C LYS A 512 -23.23 -0.45 24.33
N GLU A 513 -24.49 -0.01 24.32
CA GLU A 513 -24.88 1.22 25.00
C GLU A 513 -24.74 1.09 26.51
N LYS A 514 -25.12 -0.06 27.06
CA LYS A 514 -25.02 -0.32 28.50
C LYS A 514 -23.56 -0.25 28.97
N LYS A 515 -22.67 -0.93 28.25
CA LYS A 515 -21.23 -0.87 28.57
C LYS A 515 -20.69 0.54 28.41
N ALA A 516 -21.15 1.27 27.39
CA ALA A 516 -20.73 2.65 27.18
C ALA A 516 -21.16 3.54 28.34
N THR A 517 -22.38 3.33 28.84
CA THR A 517 -22.87 4.07 30.01
C THR A 517 -22.03 3.75 31.25
N GLN A 518 -21.65 2.47 31.39
CA GLN A 518 -20.81 2.05 32.51
C GLN A 518 -19.42 2.68 32.43
N MET A 519 -18.82 2.72 31.23
CA MET A 519 -17.50 3.30 31.04
C MET A 519 -17.45 4.78 31.39
N LEU A 520 -18.46 5.55 30.97
CA LEU A 520 -18.48 6.99 31.24
C LEU A 520 -18.55 7.29 32.73
N ALA A 521 -19.36 6.54 33.48
CA ALA A 521 -19.45 6.72 34.92
C ALA A 521 -18.14 6.35 35.61
N ILE A 522 -17.51 5.25 35.18
CA ILE A 522 -16.26 4.79 35.76
C ILE A 522 -15.13 5.79 35.52
N VAL A 523 -15.04 6.34 34.29
CA VAL A 523 -13.97 7.26 33.93
C VAL A 523 -14.07 8.54 34.75
N LEU A 524 -15.25 9.17 34.77
CA LEU A 524 -15.45 10.37 35.58
C LEU A 524 -15.33 10.08 37.07
N GLY A 525 -15.90 8.94 37.51
CA GLY A 525 -15.86 8.56 38.91
C GLY A 525 -14.47 8.47 39.50
N VAL A 526 -13.58 7.72 38.85
CA VAL A 526 -12.21 7.51 39.35
C VAL A 526 -11.45 8.83 39.40
N PHE A 527 -11.66 9.70 38.40
CA PHE A 527 -11.01 11.01 38.36
C PHE A 527 -11.51 11.89 39.51
N ILE A 528 -12.79 11.81 39.83
CA ILE A 528 -13.35 12.58 40.95
C ILE A 528 -12.88 12.00 42.29
N ILE A 529 -12.88 10.67 42.41
CA ILE A 529 -12.45 10.02 43.66
C ILE A 529 -10.98 10.32 43.97
N CYS A 530 -10.13 10.32 42.94
CA CYS A 530 -8.69 10.43 43.18
C CYS A 530 -8.18 11.88 43.19
N TRP A 531 -8.31 12.59 42.07
CA TRP A 531 -7.64 13.88 41.96
C TRP A 531 -8.37 15.00 42.70
N LEU A 532 -9.70 14.99 42.67
CA LEU A 532 -10.49 16.10 43.21
C LEU A 532 -10.28 16.45 44.69
N PRO A 533 -10.20 15.49 45.67
CA PRO A 533 -10.03 15.90 47.09
C PRO A 533 -8.89 16.87 47.39
N PHE A 534 -7.67 16.57 46.92
CA PHE A 534 -6.48 17.38 47.22
C PHE A 534 -6.66 18.84 46.81
N PHE A 535 -7.17 19.07 45.59
CA PHE A 535 -7.32 20.43 45.07
C PHE A 535 -8.39 21.21 45.82
N ILE A 536 -9.47 20.54 46.26
CA ILE A 536 -10.55 21.20 47.00
C ILE A 536 -10.03 21.79 48.31
N THR A 537 -9.15 21.04 49.00
CA THR A 537 -8.60 21.46 50.29
C THR A 537 -7.85 22.78 50.20
N HIS A 538 -7.02 22.95 49.17
CA HIS A 538 -6.24 24.18 49.00
C HIS A 538 -7.12 25.42 48.90
N ILE A 539 -8.19 25.36 48.10
CA ILE A 539 -9.13 26.47 47.98
C ILE A 539 -9.86 26.69 49.30
N LEU A 540 -10.32 25.61 49.93
CA LEU A 540 -11.07 25.70 51.19
C LEU A 540 -10.25 26.35 52.31
N ASN A 541 -8.96 26.00 52.40
CA ASN A 541 -8.10 26.52 53.46
C ASN A 541 -7.91 28.03 53.35
N ILE A 542 -7.68 28.54 52.13
CA ILE A 542 -7.46 29.97 51.94
C ILE A 542 -8.72 30.76 52.23
N HIS A 543 -9.88 30.29 51.74
CA HIS A 543 -11.14 31.00 51.97
C HIS A 543 -11.55 31.01 53.44
N CYS A 544 -11.47 29.84 54.11
CA CYS A 544 -11.85 29.77 55.51
C CYS A 544 -10.91 30.55 56.42
N ASP A 545 -9.64 30.68 56.01
CA ASP A 545 -8.53 31.17 56.85
C ASP A 545 -8.43 30.36 58.15
N CYS A 546 -8.60 29.04 58.03
CA CYS A 546 -8.63 28.14 59.15
C CYS A 546 -7.55 27.07 58.99
N ASN A 547 -7.00 26.63 60.12
CA ASN A 547 -5.96 25.62 60.10
C ASN A 547 -6.53 24.23 59.78
N ILE A 548 -5.70 23.42 59.13
CA ILE A 548 -6.08 22.07 58.73
C ILE A 548 -4.91 21.18 59.12
N PRO A 549 -5.13 19.91 59.49
CA PRO A 549 -4.00 19.04 59.83
C PRO A 549 -3.13 18.75 58.61
N PRO A 550 -1.82 18.57 58.82
CA PRO A 550 -0.93 18.25 57.69
C PRO A 550 -1.21 16.91 57.03
N VAL A 551 -1.63 15.91 57.81
CA VAL A 551 -1.93 14.56 57.33
C VAL A 551 -2.91 14.58 56.15
N LEU A 552 -3.90 15.48 56.17
CA LEU A 552 -4.90 15.58 55.11
C LEU A 552 -4.26 15.86 53.75
N TYR A 553 -3.29 16.77 53.69
CA TYR A 553 -2.58 17.04 52.44
C TYR A 553 -1.81 15.81 51.97
N SER A 554 -1.18 15.10 52.91
CA SER A 554 -0.40 13.91 52.57
C SER A 554 -1.29 12.80 52.05
N ALA A 555 -2.37 12.49 52.76
CA ALA A 555 -3.30 11.42 52.38
C ALA A 555 -3.89 11.65 50.99
N PHE A 556 -4.38 12.85 50.72
CA PHE A 556 -4.99 13.17 49.42
C PHE A 556 -3.96 13.17 48.30
N THR A 557 -2.70 13.51 48.62
CA THR A 557 -1.64 13.47 47.60
C THR A 557 -1.39 12.04 47.12
N TRP A 558 -1.38 11.09 48.06
CA TRP A 558 -1.21 9.69 47.68
C TRP A 558 -2.40 9.18 46.87
N LEU A 559 -3.62 9.56 47.29
CA LEU A 559 -4.85 9.18 46.58
C LEU A 559 -4.81 9.64 45.12
N GLY A 560 -4.34 10.86 44.87
CA GLY A 560 -4.21 11.35 43.50
C GLY A 560 -3.20 10.53 42.70
N TYR A 561 -2.15 10.04 43.36
CA TYR A 561 -1.15 9.19 42.72
C TYR A 561 -1.71 7.81 42.41
N VAL A 562 -2.66 7.32 43.21
CA VAL A 562 -3.27 6.00 43.02
C VAL A 562 -3.94 5.88 41.65
N ASN A 563 -4.51 6.99 41.13
CA ASN A 563 -5.16 7.01 39.82
C ASN A 563 -4.21 6.55 38.71
N SER A 564 -2.93 6.93 38.79
CA SER A 564 -1.92 6.47 37.83
C SER A 564 -1.84 4.94 37.80
N ALA A 565 -1.93 4.28 38.95
CA ALA A 565 -2.05 2.82 38.96
C ALA A 565 -3.37 2.37 38.35
N VAL A 566 -4.43 3.14 38.59
CA VAL A 566 -5.76 2.76 38.15
C VAL A 566 -6.01 3.16 36.69
N ASN A 567 -5.19 4.07 36.14
CA ASN A 567 -5.36 4.54 34.76
C ASN A 567 -5.29 3.46 33.68
N PRO A 568 -4.33 2.50 33.68
CA PRO A 568 -4.41 1.44 32.67
C PRO A 568 -5.66 0.57 32.79
N ILE A 569 -6.08 0.26 34.02
CA ILE A 569 -7.24 -0.60 34.23
C ILE A 569 -8.52 0.03 33.69
N ILE A 570 -8.72 1.33 33.93
CA ILE A 570 -9.96 1.98 33.52
C ILE A 570 -10.03 2.15 32.01
N TYR A 571 -8.92 2.53 31.38
CA TYR A 571 -8.94 2.84 29.95
C TYR A 571 -8.63 1.63 29.07
N THR A 572 -7.51 0.95 29.33
CA THR A 572 -7.07 -0.14 28.45
C THR A 572 -7.88 -1.41 28.66
N THR A 573 -8.05 -1.83 29.92
CA THR A 573 -8.43 -3.22 30.22
C THR A 573 -9.87 -3.53 29.79
N PHE A 574 -10.80 -2.58 29.96
CA PHE A 574 -12.20 -2.86 29.68
C PHE A 574 -12.50 -3.04 28.19
N ASN A 575 -11.65 -2.53 27.30
CA ASN A 575 -11.86 -2.75 25.87
C ASN A 575 -11.53 -4.19 25.51
N ILE A 576 -12.28 -4.74 24.55
CA ILE A 576 -12.19 -6.16 24.22
C ILE A 576 -10.88 -6.48 23.51
N GLU A 577 -10.43 -5.60 22.61
CA GLU A 577 -9.22 -5.85 21.81
C GLU A 577 -7.97 -5.89 22.68
N PHE A 578 -7.89 -5.01 23.67
CA PHE A 578 -6.73 -4.98 24.57
C PHE A 578 -6.60 -6.24 25.41
N ARG A 579 -7.73 -6.88 25.75
CA ARG A 579 -7.73 -8.09 26.58
C ARG A 579 -6.89 -9.21 25.98
N LYS A 580 -6.86 -9.32 24.64
CA LYS A 580 -6.03 -10.31 23.98
C LYS A 580 -4.54 -10.06 24.23
N ALA A 581 -4.15 -8.78 24.29
CA ALA A 581 -2.75 -8.43 24.58
C ALA A 581 -2.34 -8.87 25.98
N PHE A 582 -3.26 -8.76 26.96
CA PHE A 582 -2.97 -9.20 28.32
C PHE A 582 -2.74 -10.71 28.37
N LEU A 583 -3.53 -11.47 27.62
CA LEU A 583 -3.39 -12.93 27.59
C LEU A 583 -2.05 -13.36 27.01
N LYS A 584 -1.56 -12.63 25.99
CA LYS A 584 -0.27 -12.96 25.38
C LYS A 584 0.89 -12.75 26.34
N ILE A 585 0.83 -11.69 27.15
CA ILE A 585 1.88 -11.43 28.13
C ILE A 585 1.88 -12.50 29.22
N LEU A 586 0.70 -12.83 29.75
CA LEU A 586 0.57 -13.84 30.78
C LEU A 586 0.83 -15.24 30.23
N LEU B 5 26.22 10.68 -2.45
CA LEU B 5 24.97 10.51 -3.18
C LEU B 5 24.98 11.47 -4.36
N SER B 6 24.87 10.94 -5.58
CA SER B 6 25.08 11.73 -6.79
C SER B 6 23.90 12.67 -7.05
N ALA B 7 24.10 13.57 -8.01
CA ALA B 7 23.06 14.52 -8.38
C ALA B 7 21.87 13.85 -9.03
N GLU B 8 22.11 12.78 -9.80
CA GLU B 8 21.02 11.99 -10.37
C GLU B 8 20.25 11.27 -9.27
N ASP B 9 20.96 10.75 -8.27
CA ASP B 9 20.32 10.05 -7.16
C ASP B 9 19.52 11.00 -6.27
N LYS B 10 20.07 12.18 -5.97
CA LYS B 10 19.38 13.15 -5.13
C LYS B 10 18.09 13.65 -5.78
N ALA B 11 18.14 13.92 -7.08
CA ALA B 11 16.95 14.34 -7.80
C ALA B 11 15.92 13.23 -7.90
N ALA B 12 16.39 11.96 -7.94
CA ALA B 12 15.47 10.83 -7.95
C ALA B 12 14.75 10.70 -6.62
N VAL B 13 15.44 10.97 -5.52
CA VAL B 13 14.81 10.99 -4.20
C VAL B 13 13.82 12.14 -4.12
N GLU B 14 14.20 13.30 -4.67
CA GLU B 14 13.31 14.47 -4.72
C GLU B 14 12.05 14.17 -5.53
N ARG B 15 12.18 13.37 -6.58
CA ARG B 15 10.99 12.95 -7.33
C ARG B 15 10.12 12.03 -6.49
N SER B 16 10.73 11.11 -5.74
CA SER B 16 10.00 10.20 -4.86
C SER B 16 9.27 10.95 -3.76
N LYS B 17 9.88 12.01 -3.22
CA LYS B 17 9.22 12.84 -2.21
C LYS B 17 8.00 13.53 -2.81
N MET B 18 8.10 13.95 -4.08
CA MET B 18 6.94 14.51 -4.76
C MET B 18 5.89 13.44 -5.01
N ILE B 19 6.33 12.22 -5.32
CA ILE B 19 5.41 11.11 -5.48
C ILE B 19 4.77 10.76 -4.14
N ASP B 20 5.57 10.77 -3.05
CA ASP B 20 5.06 10.53 -1.71
C ASP B 20 3.99 11.53 -1.31
N ARG B 21 4.20 12.81 -1.62
CA ARG B 21 3.23 13.85 -1.29
C ARG B 21 1.89 13.63 -1.99
N ASN B 22 1.94 13.39 -3.30
CA ASN B 22 0.70 13.18 -4.08
C ASN B 22 0.02 11.88 -3.67
N LEU B 23 0.80 10.85 -3.37
CA LEU B 23 0.24 9.55 -2.98
C LEU B 23 -0.41 9.61 -1.60
N ARG B 24 0.17 10.40 -0.69
CA ARG B 24 -0.43 10.59 0.62
C ARG B 24 -1.71 11.42 0.52
N GLU B 25 -1.70 12.47 -0.33
CA GLU B 25 -2.89 13.29 -0.52
C GLU B 25 -4.03 12.51 -1.15
N ASP B 26 -3.72 11.64 -2.12
CA ASP B 26 -4.74 10.81 -2.74
C ASP B 26 -5.31 9.81 -1.73
N GLY B 27 -4.47 9.30 -0.83
CA GLY B 27 -4.96 8.41 0.22
C GLY B 27 -5.85 9.12 1.22
N GLU B 28 -5.57 10.40 1.48
CA GLU B 28 -6.44 11.20 2.34
C GLU B 28 -7.82 11.39 1.71
N LYS B 29 -7.85 11.63 0.40
CA LYS B 29 -9.12 11.75 -0.31
C LYS B 29 -9.85 10.41 -0.36
N ALA B 30 -9.10 9.31 -0.49
CA ALA B 30 -9.69 7.98 -0.51
C ALA B 30 -10.28 7.61 0.84
N ALA B 31 -9.67 8.07 1.93
CA ALA B 31 -10.20 7.80 3.26
C ALA B 31 -11.51 8.55 3.49
N ARG B 32 -11.60 9.79 3.00
CA ARG B 32 -12.79 10.61 3.19
C ARG B 32 -14.02 10.00 2.49
N GLU B 33 -13.85 9.51 1.27
CA GLU B 33 -14.98 8.93 0.55
C GLU B 33 -15.37 7.58 1.16
N VAL B 34 -16.66 7.32 1.21
CA VAL B 34 -17.22 6.17 1.92
C VAL B 34 -17.53 5.08 0.90
N LYS B 35 -16.77 3.99 0.97
CA LYS B 35 -17.04 2.83 0.12
C LYS B 35 -18.21 2.06 0.70
N LEU B 36 -19.07 1.57 -0.19
CA LEU B 36 -20.19 0.71 0.23
C LEU B 36 -20.51 -0.27 -0.88
N LEU B 37 -20.65 -1.54 -0.50
CA LEU B 37 -20.84 -2.65 -1.42
C LEU B 37 -22.32 -2.76 -1.83
N LEU B 38 -22.54 -3.32 -3.02
CA LEU B 38 -23.89 -3.50 -3.56
C LEU B 38 -24.05 -4.91 -4.13
N LEU B 39 -24.80 -5.76 -3.43
CA LEU B 39 -25.14 -7.10 -3.90
C LEU B 39 -26.63 -7.19 -4.20
N GLY B 40 -26.94 -7.76 -5.37
CA GLY B 40 -28.32 -7.99 -5.76
C GLY B 40 -28.38 -9.05 -6.83
N ALA B 41 -29.60 -9.52 -7.09
CA ALA B 41 -29.79 -10.54 -8.13
C ALA B 41 -29.59 -9.96 -9.53
N GLY B 42 -29.83 -8.67 -9.72
CA GLY B 42 -29.73 -8.01 -11.00
C GLY B 42 -31.06 -7.65 -11.60
N GLU B 43 -32.09 -8.45 -11.35
CA GLU B 43 -33.46 -8.16 -11.76
C GLU B 43 -34.37 -7.91 -10.56
N SER B 44 -33.80 -7.80 -9.36
CA SER B 44 -34.56 -7.68 -8.12
C SER B 44 -34.63 -6.25 -7.61
N GLY B 45 -34.56 -5.26 -8.49
CA GLY B 45 -34.66 -3.87 -8.08
C GLY B 45 -33.36 -3.22 -7.68
N LYS B 46 -32.22 -3.87 -7.92
CA LYS B 46 -30.93 -3.25 -7.68
C LYS B 46 -30.69 -2.09 -8.64
N ASN B 47 -31.08 -2.25 -9.90
CA ASN B 47 -30.92 -1.21 -10.92
C ASN B 47 -31.72 0.04 -10.58
N THR B 48 -32.93 -0.14 -10.01
CA THR B 48 -33.81 0.96 -9.67
C THR B 48 -33.17 1.91 -8.65
N ILE B 49 -32.50 1.35 -7.65
CA ILE B 49 -31.82 2.17 -6.64
C ILE B 49 -30.66 2.96 -7.25
N VAL B 50 -29.89 2.34 -8.15
CA VAL B 50 -28.70 2.97 -8.71
C VAL B 50 -29.07 4.18 -9.57
N LYS B 51 -30.14 4.07 -10.38
CA LYS B 51 -30.56 5.20 -11.19
C LYS B 51 -31.16 6.33 -10.35
N GLN B 52 -31.91 5.99 -9.30
CA GLN B 52 -32.51 7.01 -8.44
C GLN B 52 -31.46 7.76 -7.62
N MET B 53 -30.51 7.03 -7.04
CA MET B 53 -29.46 7.67 -6.23
C MET B 53 -28.54 8.53 -7.06
N LYS B 54 -28.22 8.12 -8.29
CA LYS B 54 -27.35 8.89 -9.16
C LYS B 54 -27.98 10.23 -9.54
N ILE B 55 -29.30 10.23 -9.78
CA ILE B 55 -30.02 11.47 -10.07
C ILE B 55 -30.18 12.30 -8.80
N THR B 182 -19.93 -4.39 -18.27
CA THR B 182 -19.53 -5.59 -17.54
C THR B 182 -18.47 -5.25 -16.50
N GLY B 183 -18.28 -6.14 -15.53
CA GLY B 183 -17.37 -5.88 -14.44
C GLY B 183 -18.02 -5.04 -13.35
N ILE B 184 -17.17 -4.39 -12.56
CA ILE B 184 -17.66 -3.48 -11.53
C ILE B 184 -18.24 -2.23 -12.18
N VAL B 185 -19.23 -1.65 -11.52
CA VAL B 185 -19.79 -0.35 -11.89
C VAL B 185 -19.65 0.56 -10.68
N GLU B 186 -18.98 1.69 -10.86
CA GLU B 186 -18.75 2.64 -9.78
C GLU B 186 -19.68 3.84 -9.97
N THR B 187 -20.44 4.17 -8.94
CA THR B 187 -21.30 5.35 -8.94
C THR B 187 -20.90 6.24 -7.77
N HIS B 188 -20.58 7.49 -8.07
CA HIS B 188 -20.21 8.48 -7.07
C HIS B 188 -21.37 9.45 -6.88
N PHE B 189 -21.87 9.54 -5.65
CA PHE B 189 -22.89 10.52 -5.33
C PHE B 189 -22.60 11.14 -3.97
N THR B 190 -22.86 12.45 -3.86
CA THR B 190 -22.71 13.19 -2.62
C THR B 190 -24.07 13.68 -2.16
N PHE B 191 -24.42 13.41 -0.90
CA PHE B 191 -25.72 13.83 -0.37
C PHE B 191 -25.60 14.98 0.60
N LYS B 192 -24.85 14.82 1.70
CA LYS B 192 -24.67 15.89 2.70
C LYS B 192 -23.23 15.83 3.21
N ASP B 193 -22.36 16.60 2.53
CA ASP B 193 -20.96 16.84 2.94
C ASP B 193 -20.18 15.52 3.05
N LEU B 194 -20.49 14.57 2.18
CA LEU B 194 -19.88 13.26 2.26
C LEU B 194 -19.92 12.61 0.88
N HIS B 195 -18.81 11.95 0.52
CA HIS B 195 -18.68 11.26 -0.76
C HIS B 195 -18.99 9.78 -0.56
N PHE B 196 -19.93 9.28 -1.36
CA PHE B 196 -20.32 7.87 -1.33
C PHE B 196 -19.81 7.18 -2.58
N LYS B 197 -19.07 6.10 -2.40
CA LYS B 197 -18.61 5.27 -3.51
C LYS B 197 -19.34 3.93 -3.43
N MET B 198 -19.99 3.55 -4.53
CA MET B 198 -20.80 2.33 -4.60
C MET B 198 -20.25 1.43 -5.68
N PHE B 199 -20.09 0.14 -5.37
CA PHE B 199 -19.57 -0.84 -6.31
C PHE B 199 -20.68 -1.83 -6.64
N ASP B 200 -21.09 -1.87 -7.90
CA ASP B 200 -22.15 -2.76 -8.38
C ASP B 200 -21.46 -3.98 -8.98
N VAL B 201 -21.34 -5.05 -8.20
CA VAL B 201 -20.53 -6.20 -8.54
C VAL B 201 -21.39 -7.38 -8.96
N GLY B 202 -22.66 -7.16 -9.27
CA GLY B 202 -23.53 -8.24 -9.68
C GLY B 202 -23.35 -8.72 -11.10
N ALA B 203 -22.59 -7.98 -11.93
CA ALA B 203 -22.40 -8.38 -13.31
C ALA B 203 -21.46 -9.57 -13.43
N GLN B 204 -20.55 -9.75 -12.48
CA GLN B 204 -19.62 -10.86 -12.50
C GLN B 204 -20.33 -12.15 -12.07
N ARG B 205 -20.27 -13.17 -12.93
CA ARG B 205 -20.89 -14.45 -12.66
C ARG B 205 -19.92 -15.47 -12.09
N SER B 206 -18.70 -15.05 -11.75
CA SER B 206 -17.69 -15.94 -11.22
C SER B 206 -17.98 -16.27 -9.76
N GLU B 207 -17.12 -17.12 -9.17
CA GLU B 207 -17.28 -17.49 -7.78
C GLU B 207 -16.87 -16.33 -6.88
N ARG B 208 -17.72 -16.04 -5.89
CA ARG B 208 -17.51 -14.88 -5.02
C ARG B 208 -16.27 -15.02 -4.15
N LYS B 209 -15.95 -16.25 -3.72
CA LYS B 209 -14.88 -16.55 -2.77
C LYS B 209 -13.51 -15.96 -3.16
N LYS B 210 -13.25 -15.79 -4.46
CA LYS B 210 -11.93 -15.41 -4.94
C LYS B 210 -11.85 -13.93 -5.30
N TRP B 211 -12.90 -13.15 -5.04
CA TRP B 211 -12.80 -11.70 -5.15
C TRP B 211 -13.55 -10.95 -4.07
N ILE B 212 -14.23 -11.64 -3.14
CA ILE B 212 -14.92 -10.95 -2.06
C ILE B 212 -13.94 -10.45 -1.00
N HIS B 213 -12.73 -11.03 -0.93
CA HIS B 213 -11.72 -10.61 0.03
C HIS B 213 -11.13 -9.25 -0.28
N CYS B 214 -11.31 -8.75 -1.50
CA CYS B 214 -10.91 -7.39 -1.82
C CYS B 214 -11.71 -6.37 -1.02
N PHE B 215 -12.99 -6.68 -0.80
CA PHE B 215 -13.95 -5.77 -0.20
C PHE B 215 -13.97 -5.83 1.32
N GLU B 216 -12.90 -6.32 1.95
CA GLU B 216 -12.85 -6.44 3.41
C GLU B 216 -12.97 -5.09 4.10
N GLY B 217 -12.21 -4.10 3.64
CA GLY B 217 -12.34 -2.77 4.19
C GLY B 217 -13.41 -1.99 3.48
N VAL B 218 -14.62 -1.99 4.04
CA VAL B 218 -15.75 -1.29 3.45
C VAL B 218 -16.69 -0.91 4.59
N THR B 219 -17.42 0.19 4.41
CA THR B 219 -18.28 0.69 5.48
C THR B 219 -19.55 -0.13 5.62
N ALA B 220 -20.31 -0.28 4.54
CA ALA B 220 -21.57 -0.99 4.58
C ALA B 220 -21.69 -1.89 3.35
N ILE B 221 -22.77 -2.67 3.32
CA ILE B 221 -23.13 -3.51 2.17
C ILE B 221 -24.61 -3.25 1.89
N ILE B 222 -24.91 -2.42 0.89
CA ILE B 222 -26.29 -2.33 0.43
C ILE B 222 -26.67 -3.64 -0.22
N PHE B 223 -27.81 -4.20 0.20
CA PHE B 223 -28.21 -5.54 -0.23
C PHE B 223 -29.67 -5.49 -0.69
N CYS B 224 -29.86 -5.40 -1.99
CA CYS B 224 -31.18 -5.20 -2.59
C CYS B 224 -31.89 -6.53 -2.79
N VAL B 225 -33.08 -6.67 -2.21
CA VAL B 225 -33.94 -7.84 -2.39
C VAL B 225 -35.33 -7.35 -2.73
N ALA B 226 -35.85 -7.77 -3.88
CA ALA B 226 -37.24 -7.46 -4.22
C ALA B 226 -38.19 -8.29 -3.37
N LEU B 227 -39.23 -7.63 -2.87
CA LEU B 227 -40.29 -8.34 -2.15
C LEU B 227 -41.21 -9.10 -3.08
N SER B 228 -41.15 -8.86 -4.38
CA SER B 228 -42.00 -9.54 -5.35
C SER B 228 -41.46 -10.90 -5.76
N ASP B 229 -40.30 -11.30 -5.23
CA ASP B 229 -39.62 -12.52 -5.63
C ASP B 229 -39.99 -13.72 -4.78
N TYR B 230 -41.04 -13.62 -3.94
CA TYR B 230 -41.36 -14.73 -3.05
C TYR B 230 -42.04 -15.87 -3.82
N ASP B 231 -42.89 -15.54 -4.79
CA ASP B 231 -43.58 -16.55 -5.58
C ASP B 231 -42.90 -16.87 -6.89
N LEU B 232 -42.16 -15.92 -7.47
CA LEU B 232 -41.49 -16.12 -8.74
C LEU B 232 -40.35 -17.13 -8.59
N VAL B 233 -40.29 -18.07 -9.52
CA VAL B 233 -39.25 -19.11 -9.48
C VAL B 233 -37.97 -18.58 -10.14
N LEU B 234 -36.85 -19.16 -9.75
CA LEU B 234 -35.56 -18.77 -10.31
C LEU B 234 -35.45 -19.27 -11.75
N ALA B 235 -34.73 -18.50 -12.57
CA ALA B 235 -34.69 -18.78 -14.00
C ALA B 235 -33.82 -20.00 -14.32
N GLU B 236 -32.73 -20.18 -13.60
CA GLU B 236 -31.73 -21.16 -14.01
C GLU B 236 -32.13 -22.60 -13.69
N ASP B 237 -32.83 -22.83 -12.58
CA ASP B 237 -33.10 -24.20 -12.14
C ASP B 237 -34.57 -24.45 -11.81
N GLU B 238 -35.26 -23.41 -11.33
CA GLU B 238 -36.68 -23.30 -10.97
C GLU B 238 -37.13 -24.26 -9.86
N GLU B 239 -36.20 -25.03 -9.28
CA GLU B 239 -36.53 -25.82 -8.10
C GLU B 239 -36.63 -24.92 -6.86
N MET B 240 -35.77 -23.92 -6.77
CA MET B 240 -35.74 -22.99 -5.65
C MET B 240 -36.33 -21.65 -6.07
N ASN B 241 -37.08 -21.04 -5.15
CA ASN B 241 -37.66 -19.73 -5.40
C ASN B 241 -36.58 -18.66 -5.43
N ARG B 242 -36.93 -17.52 -6.04
CA ARG B 242 -36.01 -16.38 -6.09
C ARG B 242 -35.72 -15.81 -4.71
N MET B 243 -36.73 -15.79 -3.84
CA MET B 243 -36.55 -15.27 -2.49
C MET B 243 -35.58 -16.13 -1.69
N HIS B 244 -35.68 -17.46 -1.82
CA HIS B 244 -34.76 -18.37 -1.14
C HIS B 244 -33.35 -18.21 -1.68
N ALA B 245 -33.21 -17.95 -2.98
CA ALA B 245 -31.90 -17.75 -3.59
C ALA B 245 -31.25 -16.48 -3.06
N SER B 246 -32.05 -15.42 -2.85
CA SER B 246 -31.52 -14.17 -2.30
C SER B 246 -31.09 -14.36 -0.85
N MET B 247 -31.83 -15.19 -0.09
CA MET B 247 -31.45 -15.47 1.29
C MET B 247 -30.18 -16.29 1.36
N LYS B 248 -29.99 -17.21 0.40
CA LYS B 248 -28.74 -17.96 0.30
C LYS B 248 -27.58 -17.00 0.02
N LEU B 249 -27.80 -16.02 -0.85
CA LEU B 249 -26.81 -14.99 -1.10
C LEU B 249 -26.56 -14.15 0.15
N PHE B 250 -27.62 -13.86 0.90
CA PHE B 250 -27.49 -13.09 2.13
C PHE B 250 -26.72 -13.86 3.20
N ASP B 251 -26.99 -15.17 3.32
CA ASP B 251 -26.31 -16.01 4.30
C ASP B 251 -24.81 -16.08 4.04
N SER B 252 -24.43 -16.15 2.77
CA SER B 252 -23.02 -16.21 2.40
C SER B 252 -22.29 -14.91 2.75
N ILE B 253 -22.87 -13.77 2.37
CA ILE B 253 -22.21 -12.48 2.60
C ILE B 253 -22.20 -12.11 4.09
N CYS B 254 -23.30 -12.36 4.80
CA CYS B 254 -23.39 -11.96 6.20
C CYS B 254 -22.48 -12.79 7.09
N ASN B 255 -22.51 -14.11 6.93
CA ASN B 255 -21.69 -15.01 7.74
C ASN B 255 -20.30 -15.24 7.15
N ASN B 256 -19.86 -14.37 6.25
CA ASN B 256 -18.53 -14.47 5.68
C ASN B 256 -17.49 -14.05 6.72
N LYS B 257 -16.30 -14.63 6.61
CA LYS B 257 -15.22 -14.30 7.53
C LYS B 257 -14.63 -12.92 7.28
N TRP B 258 -14.85 -12.36 6.08
CA TRP B 258 -14.31 -11.05 5.76
C TRP B 258 -15.20 -9.93 6.26
N PHE B 259 -16.48 -10.21 6.50
CA PHE B 259 -17.46 -9.21 6.90
C PHE B 259 -17.99 -9.50 8.29
N THR B 260 -17.11 -9.88 9.20
CA THR B 260 -17.51 -10.12 10.59
C THR B 260 -17.82 -8.83 11.33
N ASP B 261 -17.33 -7.68 10.85
CA ASP B 261 -17.57 -6.40 11.49
C ASP B 261 -18.29 -5.41 10.58
N THR B 262 -18.44 -5.69 9.30
CA THR B 262 -19.05 -4.77 8.36
C THR B 262 -20.57 -4.94 8.39
N SER B 263 -21.27 -3.89 8.77
CA SER B 263 -22.73 -3.88 8.80
C SER B 263 -23.30 -3.96 7.38
N ILE B 264 -24.54 -4.42 7.30
CA ILE B 264 -25.25 -4.61 6.04
C ILE B 264 -26.50 -3.74 6.06
N ILE B 265 -26.75 -3.05 4.95
CA ILE B 265 -27.96 -2.28 4.75
C ILE B 265 -28.83 -3.07 3.78
N LEU B 266 -30.04 -3.40 4.18
CA LEU B 266 -30.92 -4.23 3.38
C LEU B 266 -32.08 -3.38 2.87
N PHE B 267 -32.33 -3.43 1.57
CA PHE B 267 -33.42 -2.71 0.94
C PHE B 267 -34.43 -3.69 0.38
N LEU B 268 -35.71 -3.41 0.65
CA LEU B 268 -36.81 -4.21 0.12
C LEU B 268 -37.44 -3.39 -1.00
N ASN B 269 -37.15 -3.78 -2.24
CA ASN B 269 -37.23 -2.88 -3.39
C ASN B 269 -38.65 -2.67 -3.87
N LYS B 270 -39.41 -3.75 -4.01
CA LYS B 270 -40.67 -3.73 -4.76
C LYS B 270 -41.87 -3.67 -3.84
N LYS B 271 -41.77 -2.77 -2.84
CA LYS B 271 -42.83 -2.46 -1.89
C LYS B 271 -44.18 -2.23 -2.57
N ASP B 272 -44.19 -1.41 -3.64
CA ASP B 272 -45.43 -1.10 -4.35
C ASP B 272 -46.05 -2.36 -4.97
N LEU B 273 -45.23 -3.14 -5.69
CA LEU B 273 -45.72 -4.35 -6.36
C LEU B 273 -46.14 -5.41 -5.35
N PHE B 274 -45.42 -5.50 -4.22
CA PHE B 274 -45.67 -6.53 -3.21
C PHE B 274 -47.06 -6.40 -2.59
N GLU B 275 -47.53 -5.17 -2.40
CA GLU B 275 -48.86 -4.93 -1.82
C GLU B 275 -49.96 -5.46 -2.72
N GLU B 276 -49.86 -5.23 -4.02
CA GLU B 276 -50.86 -5.74 -4.96
C GLU B 276 -50.78 -7.26 -5.07
N LYS B 277 -49.57 -7.81 -5.16
CA LYS B 277 -49.37 -9.24 -5.38
C LYS B 277 -49.85 -10.09 -4.20
N ILE B 278 -49.60 -9.64 -2.96
CA ILE B 278 -49.91 -10.43 -1.76
C ILE B 278 -51.41 -10.75 -1.66
N LYS B 279 -52.28 -9.79 -2.03
CA LYS B 279 -53.71 -10.01 -2.02
C LYS B 279 -54.10 -11.11 -3.00
N LYS B 280 -53.54 -11.06 -4.21
CA LYS B 280 -53.81 -12.08 -5.22
C LYS B 280 -53.25 -13.44 -4.81
N SER B 281 -51.97 -13.47 -4.41
CA SER B 281 -51.28 -14.72 -4.09
C SER B 281 -50.71 -14.62 -2.68
N PRO B 282 -51.06 -15.51 -1.77
CA PRO B 282 -50.55 -15.42 -0.39
C PRO B 282 -49.08 -15.78 -0.31
N LEU B 283 -48.50 -15.46 0.85
CA LEU B 283 -47.10 -15.75 1.16
C LEU B 283 -46.88 -17.21 1.55
N THR B 284 -47.97 -17.98 1.72
CA THR B 284 -47.90 -19.38 2.13
C THR B 284 -47.13 -20.24 1.14
N ILE B 285 -47.13 -19.87 -0.15
CA ILE B 285 -46.43 -20.64 -1.17
C ILE B 285 -44.92 -20.64 -0.94
N CYS B 286 -44.38 -19.56 -0.34
CA CYS B 286 -42.95 -19.48 -0.11
C CYS B 286 -42.52 -20.17 1.18
N TYR B 287 -43.37 -20.16 2.20
CA TYR B 287 -42.99 -20.62 3.53
C TYR B 287 -43.89 -21.77 3.98
N PRO B 288 -43.33 -22.93 4.34
CA PRO B 288 -44.16 -23.96 5.01
C PRO B 288 -44.66 -23.52 6.37
N GLU B 289 -43.81 -22.87 7.16
CA GLU B 289 -44.18 -22.39 8.49
C GLU B 289 -44.41 -20.89 8.42
N TYR B 290 -45.68 -20.49 8.54
CA TYR B 290 -46.08 -19.08 8.54
C TYR B 290 -47.50 -19.00 9.09
N ALA B 291 -47.78 -17.91 9.82
CA ALA B 291 -49.05 -17.78 10.53
C ALA B 291 -50.23 -17.63 9.58
N GLY B 292 -50.04 -16.91 8.47
CA GLY B 292 -51.09 -16.74 7.49
C GLY B 292 -51.87 -15.45 7.61
N SER B 293 -51.18 -14.35 7.97
CA SER B 293 -51.86 -13.08 8.17
C SER B 293 -52.37 -12.49 6.86
N ASN B 294 -51.55 -12.56 5.81
CA ASN B 294 -51.90 -12.16 4.43
C ASN B 294 -52.28 -10.68 4.35
N THR B 295 -51.55 -9.84 5.07
CA THR B 295 -51.66 -8.39 4.95
C THR B 295 -50.25 -7.82 4.87
N TYR B 296 -50.15 -6.59 4.33
CA TYR B 296 -48.84 -5.99 4.10
C TYR B 296 -48.09 -5.70 5.41
N GLU B 297 -48.81 -5.17 6.41
CA GLU B 297 -48.19 -4.73 7.66
C GLU B 297 -47.43 -5.85 8.38
N GLU B 298 -48.01 -7.05 8.43
CA GLU B 298 -47.42 -8.13 9.20
C GLU B 298 -46.56 -9.08 8.38
N ALA B 299 -46.89 -9.32 7.11
CA ALA B 299 -46.07 -10.19 6.26
C ALA B 299 -44.71 -9.57 5.96
N ALA B 300 -44.69 -8.30 5.53
CA ALA B 300 -43.44 -7.59 5.27
C ALA B 300 -42.54 -7.58 6.51
N ALA B 301 -43.14 -7.38 7.69
CA ALA B 301 -42.38 -7.46 8.93
C ALA B 301 -41.81 -8.84 9.16
N TYR B 302 -42.55 -9.88 8.72
CA TYR B 302 -42.05 -11.26 8.82
C TYR B 302 -40.87 -11.48 7.87
N ILE B 303 -40.95 -10.91 6.66
CA ILE B 303 -39.85 -11.00 5.70
C ILE B 303 -38.61 -10.30 6.27
N GLN B 304 -38.82 -9.13 6.89
CA GLN B 304 -37.75 -8.43 7.60
C GLN B 304 -37.16 -9.30 8.71
N CYS B 305 -38.02 -10.02 9.43
CA CYS B 305 -37.55 -10.90 10.50
C CYS B 305 -36.71 -12.05 9.96
N GLN B 306 -37.09 -12.59 8.79
CA GLN B 306 -36.40 -13.76 8.23
C GLN B 306 -34.95 -13.43 7.86
N PHE B 307 -34.73 -12.26 7.24
CA PHE B 307 -33.37 -11.85 6.90
C PHE B 307 -32.54 -11.57 8.14
N GLU B 308 -33.14 -10.93 9.15
CA GLU B 308 -32.42 -10.65 10.40
C GLU B 308 -32.06 -11.93 11.15
N ASP B 309 -32.92 -12.96 11.08
CA ASP B 309 -32.64 -14.21 11.78
C ASP B 309 -31.45 -14.94 11.17
N LEU B 310 -31.20 -14.75 9.86
CA LEU B 310 -30.06 -15.38 9.20
C LEU B 310 -28.72 -14.85 9.73
N ASN B 311 -28.70 -13.64 10.27
CA ASN B 311 -27.51 -13.07 10.87
C ASN B 311 -27.15 -13.86 12.13
N LYS B 312 -25.99 -14.51 12.12
CA LYS B 312 -25.55 -15.30 13.26
C LYS B 312 -24.86 -14.45 14.31
N ARG B 313 -24.09 -13.45 13.90
CA ARG B 313 -23.37 -12.57 14.82
C ARG B 313 -24.15 -11.26 14.99
N LYS B 314 -24.65 -11.04 16.20
CA LYS B 314 -25.50 -9.89 16.48
C LYS B 314 -24.81 -8.79 17.27
N ASP B 315 -23.67 -9.08 17.90
CA ASP B 315 -22.97 -8.07 18.68
C ASP B 315 -22.04 -7.20 17.85
N THR B 316 -21.46 -7.73 16.78
CA THR B 316 -20.49 -6.99 15.99
C THR B 316 -21.15 -6.22 14.84
N LYS B 317 -22.07 -6.84 14.11
CA LYS B 317 -22.68 -6.23 12.94
C LYS B 317 -24.20 -6.20 13.09
N GLU B 318 -24.81 -5.13 12.59
CA GLU B 318 -26.24 -4.92 12.69
C GLU B 318 -26.83 -4.68 11.30
N ILE B 319 -28.01 -5.24 11.06
CA ILE B 319 -28.70 -5.10 9.79
C ILE B 319 -29.57 -3.86 9.85
N TYR B 320 -29.57 -3.07 8.77
CA TYR B 320 -30.40 -1.87 8.66
C TYR B 320 -31.39 -2.10 7.52
N THR B 321 -32.59 -2.53 7.86
CA THR B 321 -33.60 -2.84 6.85
C THR B 321 -34.34 -1.57 6.46
N HIS B 322 -34.70 -1.46 5.18
CA HIS B 322 -35.46 -0.32 4.68
C HIS B 322 -36.37 -0.78 3.56
N PHE B 323 -37.51 -0.10 3.43
CA PHE B 323 -38.48 -0.38 2.37
C PHE B 323 -38.33 0.70 1.31
N THR B 324 -37.80 0.31 0.15
CA THR B 324 -37.47 1.26 -0.91
C THR B 324 -38.74 1.85 -1.52
N CYS B 325 -38.78 3.18 -1.62
CA CYS B 325 -39.89 3.90 -2.20
C CYS B 325 -39.43 4.66 -3.44
N SER B 326 -40.40 5.20 -4.18
CA SER B 326 -40.10 5.93 -5.41
C SER B 326 -39.42 7.27 -5.15
N THR B 327 -39.56 7.82 -3.94
CA THR B 327 -38.94 9.10 -3.60
C THR B 327 -37.42 8.95 -3.55
N ASP B 328 -36.72 9.82 -4.28
CA ASP B 328 -35.28 9.72 -4.40
C ASP B 328 -34.57 10.09 -3.10
N THR B 329 -35.05 11.14 -2.42
CA THR B 329 -34.39 11.65 -1.22
C THR B 329 -34.43 10.65 -0.07
N LYS B 330 -35.55 9.92 0.08
CA LYS B 330 -35.73 9.02 1.22
C LYS B 330 -34.74 7.86 1.21
N ASN B 331 -34.49 7.27 0.04
CA ASN B 331 -33.53 6.16 -0.05
C ASN B 331 -32.11 6.60 0.27
N VAL B 332 -31.70 7.77 -0.24
CA VAL B 332 -30.35 8.26 0.02
C VAL B 332 -30.20 8.68 1.48
N GLN B 333 -31.29 9.20 2.08
CA GLN B 333 -31.27 9.63 3.47
C GLN B 333 -31.02 8.46 4.43
N PHE B 334 -31.64 7.31 4.15
CA PHE B 334 -31.42 6.13 4.99
C PHE B 334 -29.97 5.65 4.90
N VAL B 335 -29.39 5.70 3.70
CA VAL B 335 -27.99 5.31 3.53
C VAL B 335 -27.07 6.24 4.31
N PHE B 336 -27.35 7.55 4.25
CA PHE B 336 -26.56 8.53 4.99
C PHE B 336 -26.69 8.33 6.50
N ASP B 337 -27.91 8.07 6.97
CA ASP B 337 -28.14 7.80 8.39
C ASP B 337 -27.42 6.54 8.84
N ALA B 338 -27.62 5.43 8.12
CA ALA B 338 -27.00 4.15 8.47
C ALA B 338 -25.47 4.22 8.46
N VAL B 339 -24.89 4.82 7.40
CA VAL B 339 -23.43 4.92 7.28
C VAL B 339 -22.85 5.75 8.43
N THR B 340 -23.51 6.86 8.77
CA THR B 340 -23.08 7.67 9.91
C THR B 340 -23.16 6.87 11.21
N ASP B 341 -24.22 6.08 11.37
CA ASP B 341 -24.38 5.21 12.53
C ASP B 341 -23.26 4.16 12.59
N VAL B 342 -22.94 3.54 11.45
CA VAL B 342 -21.89 2.54 11.38
C VAL B 342 -20.52 3.14 11.69
N ILE B 343 -20.26 4.35 11.18
CA ILE B 343 -18.97 5.03 11.42
C ILE B 343 -18.78 5.32 12.91
N ILE B 344 -19.86 5.75 13.59
CA ILE B 344 -19.80 6.01 15.03
C ILE B 344 -19.46 4.73 15.80
N LYS B 345 -20.03 3.60 15.38
CA LYS B 345 -19.72 2.31 16.00
C LYS B 345 -18.25 1.94 15.83
N ASN B 346 -17.71 2.19 14.63
CA ASN B 346 -16.27 1.96 14.40
C ASN B 346 -15.44 2.91 15.26
N ASN B 347 -15.83 4.18 15.34
CA ASN B 347 -15.10 5.16 16.14
C ASN B 347 -15.12 4.82 17.63
N LEU B 348 -16.30 4.46 18.15
CA LEU B 348 -16.45 4.14 19.57
C LEU B 348 -15.68 2.88 19.94
N LYS B 349 -15.66 1.89 19.04
CA LYS B 349 -14.88 0.67 19.28
C LYS B 349 -13.39 0.99 19.34
N ASP B 350 -12.92 1.84 18.44
CA ASP B 350 -11.51 2.27 18.45
C ASP B 350 -11.20 3.10 19.69
N CYS B 351 -12.12 4.01 20.06
CA CYS B 351 -11.93 4.82 21.26
C CYS B 351 -11.94 3.96 22.52
N GLY B 352 -12.81 2.95 22.58
CA GLY B 352 -12.87 2.05 23.70
C GLY B 352 -14.04 2.24 24.63
N LEU B 353 -15.02 3.06 24.26
CA LEU B 353 -16.22 3.18 25.09
C LEU B 353 -17.09 1.93 25.00
N PHE B 354 -17.05 1.23 23.86
CA PHE B 354 -17.71 -0.07 23.74
C PHE B 354 -16.97 -1.13 24.54
N SER C 7 -28.52 -42.01 -25.07
CA SER C 7 -27.97 -42.70 -26.24
C SER C 7 -26.59 -42.17 -26.58
N GLU C 8 -26.42 -40.86 -26.50
CA GLU C 8 -25.14 -40.21 -26.79
C GLU C 8 -24.57 -39.46 -25.60
N LEU C 9 -25.42 -38.93 -24.71
CA LEU C 9 -24.95 -38.23 -23.52
C LEU C 9 -24.23 -39.17 -22.57
N ASP C 10 -24.82 -40.34 -22.30
CA ASP C 10 -24.19 -41.31 -21.40
C ASP C 10 -23.13 -42.15 -22.10
N GLN C 11 -23.22 -42.28 -23.44
CA GLN C 11 -22.19 -43.00 -24.18
C GLN C 11 -20.85 -42.29 -24.11
N LEU C 12 -20.88 -40.96 -24.20
CA LEU C 12 -19.65 -40.17 -24.12
C LEU C 12 -19.22 -39.90 -22.68
N ARG C 13 -20.15 -40.02 -21.73
CA ARG C 13 -19.79 -39.81 -20.33
C ARG C 13 -19.02 -41.01 -19.78
N GLN C 14 -19.25 -42.19 -20.36
CA GLN C 14 -18.53 -43.39 -19.95
C GLN C 14 -17.20 -43.51 -20.66
N GLU C 15 -17.09 -42.98 -21.87
CA GLU C 15 -15.83 -42.97 -22.59
C GLU C 15 -14.89 -41.93 -22.01
N ALA C 16 -15.45 -40.83 -21.47
CA ALA C 16 -14.63 -39.81 -20.82
C ALA C 16 -14.04 -40.34 -19.52
N GLU C 17 -14.82 -41.09 -18.74
CA GLU C 17 -14.33 -41.65 -17.50
C GLU C 17 -13.39 -42.81 -17.75
N GLN C 18 -13.46 -43.44 -18.93
CA GLN C 18 -12.55 -44.51 -19.28
C GLN C 18 -11.17 -43.96 -19.61
N LEU C 19 -11.13 -42.89 -20.43
CA LEU C 19 -9.87 -42.20 -20.75
C LEU C 19 -9.19 -41.67 -19.50
N LYS C 20 -9.95 -41.01 -18.62
CA LYS C 20 -9.44 -40.55 -17.33
C LYS C 20 -8.84 -41.70 -16.52
N ASN C 21 -9.52 -42.86 -16.52
CA ASN C 21 -8.97 -44.04 -15.89
C ASN C 21 -7.77 -44.57 -16.67
N GLN C 22 -7.77 -44.40 -18.00
CA GLN C 22 -6.67 -44.91 -18.81
C GLN C 22 -5.41 -44.06 -18.68
N ILE C 23 -5.54 -42.79 -18.29
CA ILE C 23 -4.36 -41.94 -18.18
C ILE C 23 -3.77 -41.95 -16.77
N ARG C 24 -4.54 -42.37 -15.76
CA ARG C 24 -3.98 -42.48 -14.42
C ARG C 24 -3.19 -43.77 -14.27
N ASP C 25 -3.53 -44.80 -15.05
CA ASP C 25 -2.78 -46.05 -15.01
C ASP C 25 -1.41 -45.88 -15.65
N ALA C 26 -1.31 -45.02 -16.67
CA ALA C 26 -0.03 -44.72 -17.30
C ALA C 26 0.90 -43.99 -16.34
N ARG C 27 0.34 -43.06 -15.56
CA ARG C 27 1.13 -42.28 -14.61
C ARG C 27 1.66 -43.15 -13.48
N LYS C 28 0.80 -44.03 -12.95
CA LYS C 28 1.20 -45.00 -11.93
C LYS C 28 2.31 -45.92 -12.44
N ALA C 29 2.14 -46.45 -13.67
CA ALA C 29 3.11 -47.36 -14.26
C ALA C 29 4.51 -46.74 -14.39
N CYS C 30 4.57 -45.44 -14.70
CA CYS C 30 5.86 -44.74 -14.80
C CYS C 30 6.25 -44.07 -13.49
N ALA C 31 5.76 -44.57 -12.36
CA ALA C 31 6.02 -43.97 -11.06
C ALA C 31 6.75 -44.95 -10.14
N ASP C 32 7.81 -45.57 -10.66
CA ASP C 32 8.57 -46.56 -9.88
C ASP C 32 9.23 -45.92 -8.65
N ALA C 33 9.81 -44.73 -8.81
CA ALA C 33 10.39 -43.99 -7.71
C ALA C 33 9.69 -42.65 -7.58
N THR C 34 9.77 -42.07 -6.38
CA THR C 34 9.31 -40.71 -6.14
C THR C 34 10.52 -39.78 -6.03
N LEU C 35 10.25 -38.48 -5.87
CA LEU C 35 11.33 -37.53 -5.67
C LEU C 35 11.81 -37.52 -4.22
N SER C 36 11.07 -38.16 -3.31
CA SER C 36 11.54 -38.35 -1.94
C SER C 36 12.64 -39.39 -1.84
N GLN C 37 12.84 -40.21 -2.89
CA GLN C 37 13.85 -41.26 -2.87
C GLN C 37 15.12 -40.89 -3.62
N ILE C 38 15.04 -39.96 -4.58
CA ILE C 38 16.19 -39.57 -5.37
C ILE C 38 16.91 -38.37 -4.72
N THR C 39 16.39 -37.87 -3.60
CA THR C 39 16.97 -36.72 -2.91
C THR C 39 17.34 -37.03 -1.46
N ASN C 40 17.42 -38.31 -1.09
CA ASN C 40 17.88 -38.64 0.25
C ASN C 40 19.39 -38.56 0.36
N ASN C 41 20.11 -38.89 -0.71
CA ASN C 41 21.57 -38.93 -0.67
C ASN C 41 22.22 -37.56 -0.74
N ILE C 42 21.48 -36.52 -1.12
CA ILE C 42 22.05 -35.19 -1.24
C ILE C 42 21.99 -34.49 0.11
N ASP C 43 22.89 -33.52 0.29
CA ASP C 43 22.96 -32.77 1.53
C ASP C 43 21.73 -31.87 1.69
N PRO C 44 21.31 -31.62 2.93
CA PRO C 44 20.18 -30.71 3.15
C PRO C 44 20.56 -29.25 2.89
N VAL C 45 19.53 -28.44 2.69
CA VAL C 45 19.73 -27.03 2.36
C VAL C 45 20.18 -26.25 3.59
N GLY C 46 19.73 -26.62 4.78
CA GLY C 46 20.02 -25.86 5.97
C GLY C 46 19.04 -24.71 6.17
N ARG C 47 19.19 -24.05 7.32
CA ARG C 47 18.34 -22.92 7.67
C ARG C 47 18.69 -21.72 6.80
N ILE C 48 17.77 -21.35 5.90
CA ILE C 48 17.96 -20.18 5.03
C ILE C 48 17.37 -19.00 5.79
N GLN C 49 18.23 -18.30 6.53
CA GLN C 49 17.82 -17.15 7.33
C GLN C 49 18.01 -15.89 6.49
N MET C 50 16.93 -15.44 5.85
CA MET C 50 16.95 -14.26 5.01
C MET C 50 16.40 -13.07 5.79
N ARG C 51 17.18 -12.00 5.89
CA ARG C 51 16.77 -10.82 6.63
C ARG C 51 16.05 -9.85 5.71
N THR C 52 15.35 -8.90 6.31
CA THR C 52 14.62 -7.87 5.55
C THR C 52 15.56 -6.72 5.22
N ARG C 53 16.07 -6.72 3.99
CA ARG C 53 17.00 -5.68 3.55
C ARG C 53 16.29 -4.35 3.40
N ARG C 54 15.17 -4.33 2.69
CA ARG C 54 14.40 -3.12 2.46
C ARG C 54 12.95 -3.33 2.86
N THR C 55 12.26 -2.21 3.10
CA THR C 55 10.83 -2.21 3.44
C THR C 55 10.21 -1.11 2.60
N LEU C 56 9.90 -1.44 1.33
CA LEU C 56 9.24 -0.50 0.43
C LEU C 56 7.89 -0.07 0.99
N ARG C 57 7.76 1.22 1.27
CA ARG C 57 6.53 1.75 1.84
C ARG C 57 6.08 2.99 1.10
N GLY C 58 4.78 3.27 1.20
CA GLY C 58 4.15 4.34 0.47
C GLY C 58 2.74 3.94 0.08
N HIS C 59 2.49 2.62 0.04
CA HIS C 59 1.14 2.13 -0.16
C HIS C 59 0.28 2.44 1.05
N LEU C 60 -0.98 2.80 0.79
CA LEU C 60 -1.95 3.04 1.84
C LEU C 60 -3.08 2.04 1.82
N ALA C 61 -2.94 0.96 1.05
CA ALA C 61 -3.98 -0.05 0.93
C ALA C 61 -3.33 -1.39 0.62
N LYS C 62 -4.15 -2.43 0.45
CA LYS C 62 -3.67 -3.79 0.27
C LYS C 62 -2.96 -3.98 -1.06
N ILE C 63 -1.88 -4.74 -1.04
CA ILE C 63 -1.08 -5.02 -2.24
C ILE C 63 -1.51 -6.38 -2.79
N TYR C 64 -1.98 -6.39 -4.02
CA TYR C 64 -2.46 -7.62 -4.64
C TYR C 64 -1.38 -8.37 -5.43
N ALA C 65 -0.57 -7.67 -6.23
CA ALA C 65 0.42 -8.37 -7.02
C ALA C 65 1.66 -7.52 -7.21
N MET C 66 2.79 -8.20 -7.40
CA MET C 66 4.04 -7.52 -7.73
C MET C 66 4.90 -8.38 -8.65
N HIS C 67 5.45 -7.76 -9.68
CA HIS C 67 6.34 -8.44 -10.61
C HIS C 67 7.70 -7.74 -10.63
N TRP C 68 8.75 -8.51 -10.90
CA TRP C 68 10.10 -7.96 -11.01
C TRP C 68 10.42 -7.52 -12.44
N GLY C 69 11.63 -6.97 -12.60
CA GLY C 69 12.14 -6.60 -13.91
C GLY C 69 13.22 -7.56 -14.40
N THR C 70 13.66 -7.31 -15.64
CA THR C 70 14.76 -8.09 -16.20
C THR C 70 16.08 -7.70 -15.56
N ASP C 71 16.26 -6.41 -15.27
CA ASP C 71 17.48 -5.90 -14.67
C ASP C 71 17.59 -6.19 -13.17
N SER C 72 16.58 -6.84 -12.58
CA SER C 72 16.53 -7.27 -11.18
C SER C 72 16.60 -6.10 -10.20
N ARG C 73 16.27 -4.89 -10.65
CA ARG C 73 16.31 -3.70 -9.81
C ARG C 73 14.91 -3.10 -9.65
N LEU C 74 14.24 -2.80 -10.74
CA LEU C 74 12.90 -2.21 -10.67
C LEU C 74 11.88 -3.29 -10.36
N LEU C 75 10.80 -2.88 -9.69
CA LEU C 75 9.69 -3.79 -9.45
C LEU C 75 8.40 -2.99 -9.46
N VAL C 76 7.34 -3.60 -9.98
CA VAL C 76 6.03 -2.97 -10.11
C VAL C 76 5.12 -3.52 -9.01
N SER C 77 4.29 -2.67 -8.42
CA SER C 77 3.36 -3.07 -7.38
C SER C 77 1.93 -2.65 -7.73
N ALA C 78 0.98 -3.57 -7.52
CA ALA C 78 -0.44 -3.29 -7.69
C ALA C 78 -1.09 -3.19 -6.32
N SER C 79 -1.88 -2.14 -6.11
CA SER C 79 -2.51 -1.89 -4.82
C SER C 79 -4.00 -1.64 -4.95
N GLN C 80 -4.67 -1.67 -3.80
CA GLN C 80 -6.11 -1.43 -3.69
C GLN C 80 -6.47 0.05 -3.80
N ASP C 81 -5.53 0.95 -3.54
CA ASP C 81 -5.86 2.38 -3.56
C ASP C 81 -5.96 2.97 -4.96
N GLY C 82 -5.80 2.17 -6.01
CA GLY C 82 -5.85 2.68 -7.36
C GLY C 82 -4.53 3.24 -7.84
N LYS C 83 -3.41 2.75 -7.31
CA LYS C 83 -2.09 3.25 -7.64
C LYS C 83 -1.18 2.09 -7.98
N LEU C 84 -0.62 2.11 -9.18
CA LEU C 84 0.41 1.16 -9.60
C LEU C 84 1.76 1.86 -9.51
N ILE C 85 2.59 1.41 -8.57
CA ILE C 85 3.85 2.05 -8.25
C ILE C 85 4.99 1.18 -8.75
N ILE C 86 5.87 1.78 -9.56
CA ILE C 86 7.13 1.14 -9.94
C ILE C 86 8.19 1.57 -8.93
N TRP C 87 8.88 0.59 -8.37
CA TRP C 87 9.82 0.82 -7.29
C TRP C 87 11.25 0.73 -7.79
N ASP C 88 12.16 1.17 -6.93
CA ASP C 88 13.60 0.95 -7.08
C ASP C 88 14.02 0.22 -5.82
N SER C 89 14.23 -1.10 -5.95
CA SER C 89 14.51 -1.97 -4.82
C SER C 89 15.81 -1.59 -4.10
N TYR C 90 16.80 -1.09 -4.85
CA TYR C 90 18.09 -0.80 -4.25
C TYR C 90 18.04 0.47 -3.41
N THR C 91 17.65 1.59 -4.02
CA THR C 91 17.74 2.89 -3.39
C THR C 91 16.48 3.30 -2.61
N THR C 92 15.38 2.56 -2.76
CA THR C 92 14.09 2.77 -2.08
C THR C 92 13.55 4.18 -2.37
N ASN C 93 13.21 4.37 -3.65
CA ASN C 93 12.57 5.59 -4.09
C ASN C 93 11.67 5.29 -5.28
N LYS C 94 10.49 5.92 -5.28
CA LYS C 94 9.47 5.67 -6.29
C LYS C 94 9.93 6.10 -7.66
N VAL C 95 9.89 5.17 -8.62
CA VAL C 95 10.21 5.52 -10.00
C VAL C 95 8.99 6.08 -10.71
N HIS C 96 7.83 5.44 -10.54
CA HIS C 96 6.57 5.95 -11.05
C HIS C 96 5.46 5.60 -10.07
N ALA C 97 4.29 6.24 -10.28
CA ALA C 97 3.08 5.91 -9.52
C ALA C 97 1.89 6.30 -10.39
N ILE C 98 1.36 5.32 -11.12
CA ILE C 98 0.29 5.55 -12.08
C ILE C 98 -1.06 5.64 -11.38
N PRO C 99 -1.80 6.73 -11.55
CA PRO C 99 -3.20 6.76 -11.10
C PRO C 99 -4.07 5.86 -11.97
N LEU C 100 -4.59 4.79 -11.37
CA LEU C 100 -5.30 3.76 -12.12
C LEU C 100 -6.78 4.13 -12.26
N ARG C 101 -7.39 3.62 -13.33
CA ARG C 101 -8.80 3.89 -13.59
C ARG C 101 -9.72 3.02 -12.73
N SER C 102 -9.23 1.88 -12.26
CA SER C 102 -9.99 1.00 -11.38
C SER C 102 -9.13 0.68 -10.16
N SER C 103 -9.73 0.77 -8.97
CA SER C 103 -9.03 0.52 -7.72
C SER C 103 -9.12 -0.92 -7.26
N TRP C 104 -9.44 -1.85 -8.15
CA TRP C 104 -9.55 -3.24 -7.72
C TRP C 104 -8.63 -4.12 -8.55
N VAL C 105 -7.40 -3.65 -8.73
CA VAL C 105 -6.40 -4.26 -9.60
C VAL C 105 -5.89 -5.55 -8.94
N MET C 106 -6.23 -6.69 -9.54
CA MET C 106 -5.86 -8.00 -9.02
C MET C 106 -4.48 -8.46 -9.49
N THR C 107 -3.90 -7.84 -10.51
CA THR C 107 -2.62 -8.33 -11.01
C THR C 107 -1.86 -7.23 -11.72
N CYS C 108 -0.55 -7.47 -11.89
CA CYS C 108 0.32 -6.55 -12.61
C CYS C 108 1.61 -7.28 -12.98
N ALA C 109 2.06 -7.09 -14.22
CA ALA C 109 3.37 -7.57 -14.63
C ALA C 109 4.21 -6.44 -15.19
N TYR C 110 5.50 -6.68 -15.21
CA TYR C 110 6.48 -5.78 -15.81
C TYR C 110 7.02 -6.45 -17.05
N ALA C 111 7.11 -5.69 -18.16
CA ALA C 111 7.55 -6.24 -19.43
C ALA C 111 9.01 -6.69 -19.36
N PRO C 112 9.38 -7.73 -20.13
CA PRO C 112 10.79 -8.18 -20.11
C PRO C 112 11.76 -7.19 -20.73
N SER C 113 11.29 -6.22 -21.50
CA SER C 113 12.15 -5.16 -22.03
C SER C 113 12.13 -3.90 -21.18
N GLY C 114 11.16 -3.76 -20.28
CA GLY C 114 11.07 -2.59 -19.42
C GLY C 114 10.22 -1.46 -19.95
N ASN C 115 9.54 -1.66 -21.07
CA ASN C 115 8.81 -0.57 -21.72
C ASN C 115 7.38 -0.43 -21.22
N TYR C 116 6.66 -1.54 -21.05
CA TYR C 116 5.24 -1.49 -20.74
C TYR C 116 4.96 -2.12 -19.39
N VAL C 117 3.83 -1.74 -18.80
CA VAL C 117 3.30 -2.38 -17.61
C VAL C 117 1.79 -2.59 -17.77
N ALA C 118 1.35 -3.83 -17.56
CA ALA C 118 -0.05 -4.22 -17.66
C ALA C 118 -0.63 -4.42 -16.27
N CYS C 119 -1.92 -4.11 -16.13
CA CYS C 119 -2.63 -4.43 -14.89
C CYS C 119 -4.12 -4.49 -15.14
N GLY C 120 -4.74 -5.58 -14.68
CA GLY C 120 -6.18 -5.71 -14.74
C GLY C 120 -6.70 -6.19 -13.40
N GLY C 121 -8.01 -6.04 -13.22
CA GLY C 121 -8.66 -6.45 -11.97
C GLY C 121 -10.09 -6.83 -12.18
N LEU C 122 -10.96 -6.38 -11.26
CA LEU C 122 -12.39 -6.59 -11.33
C LEU C 122 -13.06 -5.79 -12.44
N ASP C 123 -12.38 -4.78 -12.99
CA ASP C 123 -12.90 -4.02 -14.12
C ASP C 123 -12.92 -4.81 -15.42
N ASN C 124 -12.24 -5.96 -15.44
CA ASN C 124 -12.11 -6.97 -16.50
C ASN C 124 -11.35 -6.47 -17.73
N ILE C 125 -10.58 -5.39 -17.58
CA ILE C 125 -9.74 -4.87 -18.65
C ILE C 125 -8.31 -4.80 -18.15
N CYS C 126 -7.37 -5.33 -18.95
CA CYS C 126 -5.95 -5.32 -18.58
C CYS C 126 -5.32 -4.12 -19.28
N SER C 127 -5.27 -3.00 -18.56
CA SER C 127 -4.76 -1.75 -19.12
C SER C 127 -3.23 -1.81 -19.19
N ILE C 128 -2.70 -1.59 -20.38
CA ILE C 128 -1.26 -1.68 -20.61
C ILE C 128 -0.69 -0.25 -20.68
N TYR C 129 0.11 0.10 -19.68
CA TYR C 129 0.66 1.43 -19.53
C TYR C 129 2.05 1.51 -20.15
N ASN C 130 2.30 2.59 -20.90
CA ASN C 130 3.59 2.80 -21.55
C ASN C 130 4.50 3.62 -20.64
N LEU C 131 5.49 2.96 -20.04
CA LEU C 131 6.40 3.67 -19.14
C LEU C 131 7.37 4.57 -19.90
N LYS C 132 8.22 3.97 -20.72
CA LYS C 132 9.24 4.72 -21.46
C LYS C 132 8.57 5.42 -22.62
N THR C 133 8.02 6.61 -22.35
CA THR C 133 7.33 7.41 -23.34
C THR C 133 8.03 8.75 -23.51
N ARG C 134 7.67 9.47 -24.57
CA ARG C 134 8.30 10.75 -24.88
C ARG C 134 7.86 11.82 -23.89
N GLU C 135 6.64 11.73 -23.37
CA GLU C 135 6.14 12.70 -22.40
C GLU C 135 6.53 12.29 -20.99
N GLY C 136 6.07 13.05 -20.01
CA GLY C 136 6.35 12.75 -18.62
C GLY C 136 5.45 11.68 -18.03
N ASN C 137 4.14 11.90 -18.09
CA ASN C 137 3.18 10.99 -17.50
C ASN C 137 3.12 9.67 -18.27
N VAL C 138 2.68 8.63 -17.56
CA VAL C 138 2.56 7.29 -18.11
C VAL C 138 1.13 7.08 -18.57
N ARG C 139 0.95 6.92 -19.88
CA ARG C 139 -0.36 6.89 -20.51
C ARG C 139 -0.81 5.46 -20.81
N VAL C 140 -2.06 5.35 -21.26
CA VAL C 140 -2.66 4.06 -21.62
C VAL C 140 -2.40 3.78 -23.09
N SER C 141 -1.64 2.72 -23.38
CA SER C 141 -1.44 2.32 -24.76
C SER C 141 -2.71 1.72 -25.34
N ARG C 142 -3.27 0.73 -24.66
CA ARG C 142 -4.49 0.04 -25.07
C ARG C 142 -5.26 -0.36 -23.81
N GLU C 143 -6.58 -0.41 -23.94
CA GLU C 143 -7.45 -0.91 -22.87
C GLU C 143 -8.07 -2.21 -23.37
N LEU C 144 -7.30 -3.29 -23.25
CA LEU C 144 -7.69 -4.64 -23.71
C LEU C 144 -9.00 -5.09 -23.07
N ALA C 145 -10.01 -5.32 -23.91
CA ALA C 145 -11.35 -5.65 -23.43
C ALA C 145 -11.91 -6.82 -24.22
N GLY C 146 -12.75 -7.60 -23.56
CA GLY C 146 -13.33 -8.79 -24.17
C GLY C 146 -13.54 -9.93 -23.19
N HIS C 147 -12.94 -9.84 -22.01
CA HIS C 147 -13.18 -10.82 -20.96
C HIS C 147 -14.50 -10.54 -20.26
N THR C 148 -15.11 -11.62 -19.74
CA THR C 148 -16.36 -11.52 -18.99
C THR C 148 -16.11 -11.47 -17.48
N GLY C 149 -15.08 -12.15 -16.99
CA GLY C 149 -14.77 -12.20 -15.58
C GLY C 149 -13.53 -11.40 -15.21
N TYR C 150 -13.24 -11.43 -13.91
CA TYR C 150 -12.12 -10.69 -13.35
C TYR C 150 -10.79 -11.27 -13.83
N LEU C 151 -9.84 -10.40 -14.14
CA LEU C 151 -8.51 -10.81 -14.58
C LEU C 151 -7.61 -11.04 -13.37
N SER C 152 -7.03 -12.23 -13.31
CA SER C 152 -6.20 -12.61 -12.18
C SER C 152 -4.71 -12.60 -12.48
N CYS C 153 -4.31 -12.69 -13.74
CA CYS C 153 -2.91 -12.52 -14.15
C CYS C 153 -2.85 -11.89 -15.53
N CYS C 154 -1.76 -11.13 -15.78
CA CYS C 154 -1.50 -10.49 -17.08
C CYS C 154 0.00 -10.58 -17.35
N ARG C 155 0.48 -11.78 -17.71
CA ARG C 155 1.90 -11.97 -17.99
C ARG C 155 2.27 -11.55 -19.42
N PHE C 156 3.53 -11.10 -19.57
CA PHE C 156 4.06 -10.63 -20.84
C PHE C 156 4.94 -11.69 -21.50
N LEU C 157 4.62 -12.05 -22.75
CA LEU C 157 5.57 -12.76 -23.57
C LEU C 157 6.67 -11.83 -24.08
N ASP C 158 6.27 -10.70 -24.63
CA ASP C 158 7.17 -9.68 -25.16
C ASP C 158 6.42 -8.35 -25.17
N ASP C 159 6.96 -7.38 -25.91
CA ASP C 159 6.31 -6.08 -26.04
C ASP C 159 5.01 -6.11 -26.83
N ASN C 160 4.76 -7.19 -27.58
CA ASN C 160 3.62 -7.24 -28.48
C ASN C 160 2.55 -8.25 -28.07
N GLN C 161 2.88 -9.24 -27.23
CA GLN C 161 1.93 -10.29 -26.87
C GLN C 161 1.85 -10.41 -25.35
N ILE C 162 0.62 -10.43 -24.83
CA ILE C 162 0.35 -10.60 -23.41
C ILE C 162 -0.68 -11.71 -23.21
N VAL C 163 -0.33 -12.70 -22.39
CA VAL C 163 -1.24 -13.75 -21.96
C VAL C 163 -1.96 -13.30 -20.69
N THR C 164 -3.28 -13.41 -20.67
CA THR C 164 -4.10 -13.01 -19.53
C THR C 164 -5.03 -14.11 -19.09
N SER C 165 -5.14 -14.32 -17.79
CA SER C 165 -6.03 -15.30 -17.18
C SER C 165 -7.22 -14.56 -16.59
N SER C 166 -8.42 -15.11 -16.78
CA SER C 166 -9.61 -14.43 -16.31
C SER C 166 -10.56 -15.37 -15.59
N GLY C 167 -11.53 -14.76 -14.92
CA GLY C 167 -12.57 -15.44 -14.18
C GLY C 167 -13.64 -16.09 -15.02
N ASP C 168 -13.67 -15.84 -16.32
CA ASP C 168 -14.63 -16.49 -17.21
C ASP C 168 -14.14 -17.84 -17.74
N THR C 169 -13.24 -18.50 -16.99
CA THR C 169 -12.69 -19.84 -17.27
C THR C 169 -11.92 -19.88 -18.58
N THR C 170 -11.37 -18.74 -19.02
CA THR C 170 -10.63 -18.66 -20.27
C THR C 170 -9.34 -17.89 -20.07
N CYS C 171 -8.24 -18.41 -20.61
CA CYS C 171 -7.04 -17.63 -20.83
C CYS C 171 -7.06 -17.10 -22.26
N ALA C 172 -6.41 -15.95 -22.47
CA ALA C 172 -6.40 -15.35 -23.79
C ALA C 172 -5.03 -14.76 -24.11
N LEU C 173 -4.53 -15.05 -25.31
CA LEU C 173 -3.28 -14.48 -25.80
C LEU C 173 -3.60 -13.22 -26.60
N TRP C 174 -3.33 -12.06 -26.02
CA TRP C 174 -3.68 -10.78 -26.62
C TRP C 174 -2.58 -10.27 -27.55
N ASP C 175 -3.00 -9.56 -28.60
CA ASP C 175 -2.09 -8.76 -29.40
C ASP C 175 -2.17 -7.32 -28.90
N ILE C 176 -1.01 -6.76 -28.54
CA ILE C 176 -0.96 -5.40 -28.00
C ILE C 176 -1.21 -4.36 -29.08
N GLU C 177 -0.73 -4.61 -30.30
CA GLU C 177 -0.88 -3.64 -31.39
C GLU C 177 -2.34 -3.51 -31.84
N THR C 178 -2.96 -4.62 -32.22
CA THR C 178 -4.34 -4.57 -32.68
C THR C 178 -5.35 -4.45 -31.54
N GLY C 179 -4.99 -4.88 -30.34
CA GLY C 179 -5.91 -4.81 -29.22
C GLY C 179 -7.03 -5.83 -29.25
N GLN C 180 -6.74 -7.05 -29.72
CA GLN C 180 -7.76 -8.08 -29.82
C GLN C 180 -7.11 -9.44 -29.58
N GLN C 181 -7.92 -10.37 -29.05
CA GLN C 181 -7.45 -11.71 -28.75
C GLN C 181 -7.05 -12.47 -30.01
N THR C 182 -5.85 -13.04 -30.00
CA THR C 182 -5.39 -13.87 -31.11
C THR C 182 -5.66 -15.33 -30.87
N THR C 183 -5.76 -15.75 -29.61
CA THR C 183 -6.02 -17.13 -29.24
C THR C 183 -6.69 -17.10 -27.87
N THR C 184 -7.76 -17.89 -27.71
CA THR C 184 -8.50 -17.95 -26.46
C THR C 184 -8.46 -19.40 -25.95
N PHE C 185 -7.88 -19.57 -24.76
CA PHE C 185 -7.65 -20.88 -24.17
C PHE C 185 -8.83 -21.21 -23.27
N THR C 186 -9.78 -21.98 -23.77
CA THR C 186 -11.01 -22.32 -23.04
C THR C 186 -10.99 -23.79 -22.66
N GLY C 187 -10.42 -24.09 -21.49
CA GLY C 187 -10.35 -25.46 -21.03
C GLY C 187 -10.87 -25.71 -19.63
N HIS C 188 -10.93 -24.67 -18.79
CA HIS C 188 -11.31 -24.86 -17.40
C HIS C 188 -12.82 -24.79 -17.20
N THR C 189 -13.28 -25.42 -16.13
CA THR C 189 -14.63 -25.27 -15.64
C THR C 189 -14.71 -24.37 -14.42
N GLY C 190 -13.57 -23.86 -13.94
CA GLY C 190 -13.53 -22.99 -12.78
C GLY C 190 -12.73 -21.74 -13.07
N ASP C 191 -12.85 -20.79 -12.15
CA ASP C 191 -12.25 -19.46 -12.33
C ASP C 191 -10.74 -19.54 -12.28
N VAL C 192 -10.09 -19.03 -13.32
CA VAL C 192 -8.64 -19.16 -13.45
C VAL C 192 -7.96 -18.09 -12.58
N MET C 193 -6.95 -18.51 -11.83
CA MET C 193 -6.32 -17.66 -10.83
C MET C 193 -4.86 -17.36 -11.10
N SER C 194 -4.12 -18.27 -11.72
CA SER C 194 -2.68 -18.10 -11.89
C SER C 194 -2.31 -17.99 -13.37
N LEU C 195 -1.05 -17.63 -13.59
CA LEU C 195 -0.33 -17.80 -14.84
C LEU C 195 1.15 -17.91 -14.54
N SER C 196 1.87 -18.60 -15.44
CA SER C 196 3.32 -18.68 -15.35
C SER C 196 3.85 -18.97 -16.74
N LEU C 197 4.63 -18.06 -17.28
CA LEU C 197 5.27 -18.29 -18.56
C LEU C 197 6.56 -19.07 -18.41
N ALA C 198 6.78 -20.00 -19.34
CA ALA C 198 8.02 -20.75 -19.41
C ALA C 198 9.16 -19.83 -19.84
N PRO C 199 10.42 -20.20 -19.53
CA PRO C 199 11.55 -19.38 -19.99
C PRO C 199 11.71 -19.32 -21.51
N ASP C 200 11.36 -20.38 -22.23
CA ASP C 200 11.41 -20.31 -23.69
C ASP C 200 10.15 -19.68 -24.30
N THR C 201 9.19 -19.28 -23.45
CA THR C 201 7.96 -18.54 -23.78
C THR C 201 7.02 -19.28 -24.71
N ARG C 202 7.20 -20.59 -24.90
CA ARG C 202 6.31 -21.34 -25.77
C ARG C 202 5.11 -21.90 -25.02
N LEU C 203 5.29 -22.33 -23.78
CA LEU C 203 4.24 -22.96 -23.00
C LEU C 203 3.89 -22.10 -21.80
N PHE C 204 2.74 -22.41 -21.18
CA PHE C 204 2.31 -21.76 -19.94
C PHE C 204 1.20 -22.56 -19.26
N VAL C 205 1.38 -22.82 -17.98
CA VAL C 205 0.39 -23.52 -17.16
C VAL C 205 -0.38 -22.49 -16.33
N SER C 206 -1.68 -22.73 -16.12
CA SER C 206 -2.50 -21.83 -15.32
C SER C 206 -3.53 -22.63 -14.54
N GLY C 207 -3.47 -22.53 -13.22
CA GLY C 207 -4.40 -23.25 -12.37
C GLY C 207 -5.67 -22.44 -12.09
N ALA C 208 -6.78 -23.16 -11.99
CA ALA C 208 -8.09 -22.55 -11.80
C ALA C 208 -8.73 -23.06 -10.51
N CYS C 209 -9.98 -22.65 -10.30
CA CYS C 209 -10.78 -23.06 -9.15
C CYS C 209 -11.48 -24.40 -9.35
N ASP C 210 -11.14 -25.14 -10.42
CA ASP C 210 -11.61 -26.50 -10.58
C ASP C 210 -10.59 -27.52 -10.11
N ALA C 211 -9.58 -27.07 -9.34
CA ALA C 211 -8.48 -27.89 -8.81
C ALA C 211 -7.73 -28.63 -9.90
N SER C 212 -7.33 -27.88 -10.93
CA SER C 212 -6.61 -28.46 -12.05
C SER C 212 -5.75 -27.40 -12.72
N ALA C 213 -4.52 -27.78 -13.06
CA ALA C 213 -3.59 -26.91 -13.77
C ALA C 213 -3.38 -27.46 -15.18
N LYS C 214 -3.75 -26.67 -16.19
CA LYS C 214 -3.57 -27.05 -17.59
C LYS C 214 -2.45 -26.22 -18.20
N LEU C 215 -1.55 -26.90 -18.93
CA LEU C 215 -0.53 -26.25 -19.74
C LEU C 215 -1.00 -26.07 -21.19
N TRP C 216 -1.02 -24.82 -21.66
CA TRP C 216 -1.35 -24.51 -23.04
C TRP C 216 -0.11 -24.06 -23.82
N ASP C 217 -0.03 -24.53 -25.07
CA ASP C 217 0.93 -24.00 -26.02
C ASP C 217 0.37 -22.71 -26.63
N VAL C 218 1.25 -21.74 -26.88
CA VAL C 218 0.81 -20.48 -27.48
C VAL C 218 0.76 -20.55 -29.01
N ARG C 219 1.48 -21.49 -29.62
CA ARG C 219 1.48 -21.58 -31.08
C ARG C 219 0.20 -22.21 -31.59
N GLU C 220 -0.08 -23.45 -31.17
CA GLU C 220 -1.31 -24.12 -31.59
C GLU C 220 -2.52 -23.52 -30.91
N GLY C 221 -2.52 -23.50 -29.58
CA GLY C 221 -3.58 -22.88 -28.82
C GLY C 221 -4.50 -23.83 -28.07
N MET C 222 -4.12 -25.09 -27.89
CA MET C 222 -4.98 -26.07 -27.25
C MET C 222 -4.29 -26.63 -26.01
N CYS C 223 -5.10 -27.30 -25.18
CA CYS C 223 -4.67 -27.81 -23.88
C CYS C 223 -3.76 -29.03 -24.01
N ARG C 224 -2.45 -28.78 -24.07
CA ARG C 224 -1.43 -29.84 -24.15
C ARG C 224 -1.62 -30.91 -23.09
N GLN C 225 -1.55 -30.54 -21.81
CA GLN C 225 -1.72 -31.49 -20.72
C GLN C 225 -2.63 -30.91 -19.65
N THR C 226 -3.06 -31.79 -18.74
CA THR C 226 -3.98 -31.43 -17.66
C THR C 226 -3.56 -32.18 -16.41
N PHE C 227 -3.32 -31.43 -15.33
CA PHE C 227 -2.83 -31.98 -14.08
C PHE C 227 -3.91 -31.88 -13.01
N THR C 228 -4.03 -32.92 -12.19
CA THR C 228 -4.98 -32.95 -11.09
C THR C 228 -4.31 -33.46 -9.84
N GLY C 229 -5.05 -33.44 -8.73
CA GLY C 229 -4.54 -33.93 -7.46
C GLY C 229 -4.96 -33.08 -6.28
N HIS C 230 -5.12 -31.78 -6.51
CA HIS C 230 -5.57 -30.88 -5.45
C HIS C 230 -7.05 -31.09 -5.15
N GLU C 231 -7.43 -30.78 -3.92
CA GLU C 231 -8.83 -30.81 -3.50
C GLU C 231 -9.44 -29.43 -3.37
N SER C 232 -8.66 -28.37 -3.57
CA SER C 232 -9.15 -26.99 -3.49
C SER C 232 -8.56 -26.18 -4.62
N ASP C 233 -8.86 -24.87 -4.60
CA ASP C 233 -8.58 -24.01 -5.74
C ASP C 233 -7.11 -23.65 -5.80
N ILE C 234 -6.55 -23.70 -7.02
CA ILE C 234 -5.14 -23.40 -7.24
C ILE C 234 -5.00 -21.90 -7.49
N ASN C 235 -4.21 -21.23 -6.63
CA ASN C 235 -4.17 -19.78 -6.63
C ASN C 235 -2.93 -19.19 -7.30
N ALA C 236 -1.81 -19.91 -7.33
CA ALA C 236 -0.56 -19.34 -7.85
C ALA C 236 0.37 -20.43 -8.32
N ILE C 237 0.84 -20.32 -9.55
CA ILE C 237 1.79 -21.27 -10.13
C ILE C 237 2.99 -20.50 -10.67
N CYS C 238 4.20 -21.04 -10.45
CA CYS C 238 5.40 -20.60 -11.14
C CYS C 238 6.21 -21.81 -11.61
N PHE C 239 6.98 -21.60 -12.67
CA PHE C 239 7.82 -22.65 -13.24
C PHE C 239 9.14 -22.80 -12.51
N PHE C 240 9.56 -24.06 -12.34
CA PHE C 240 10.96 -24.37 -12.13
C PHE C 240 11.76 -23.82 -13.32
N PRO C 241 12.94 -23.24 -13.08
CA PRO C 241 13.61 -22.43 -14.13
C PRO C 241 14.03 -23.17 -15.40
N ASN C 242 13.98 -24.51 -15.43
CA ASN C 242 14.03 -25.21 -16.71
C ASN C 242 12.81 -24.89 -17.57
N GLY C 243 11.64 -24.84 -16.95
CA GLY C 243 10.39 -24.86 -17.68
C GLY C 243 9.81 -26.25 -17.83
N ASN C 244 10.34 -27.23 -17.08
CA ASN C 244 9.87 -28.60 -17.14
C ASN C 244 9.01 -28.98 -15.95
N ALA C 245 8.99 -28.19 -14.89
CA ALA C 245 8.13 -28.45 -13.74
C ALA C 245 7.53 -27.15 -13.26
N PHE C 246 6.26 -27.19 -12.89
CA PHE C 246 5.64 -26.07 -12.19
C PHE C 246 5.26 -26.48 -10.76
N ALA C 247 4.96 -25.46 -9.94
CA ALA C 247 4.57 -25.67 -8.56
C ALA C 247 3.31 -24.87 -8.27
N THR C 248 2.28 -25.56 -7.79
CA THR C 248 0.97 -24.97 -7.53
C THR C 248 0.83 -24.59 -6.06
N GLY C 249 -0.15 -23.73 -5.79
CA GLY C 249 -0.50 -23.37 -4.43
C GLY C 249 -2.00 -23.37 -4.22
N SER C 250 -2.50 -24.22 -3.32
CA SER C 250 -3.92 -24.37 -3.10
C SER C 250 -4.32 -23.85 -1.72
N ASP C 251 -5.63 -23.90 -1.45
CA ASP C 251 -6.15 -23.49 -0.15
C ASP C 251 -6.10 -24.60 0.88
N ASP C 252 -5.61 -25.78 0.51
CA ASP C 252 -5.47 -26.91 1.43
C ASP C 252 -4.12 -26.96 2.13
N ALA C 253 -3.36 -25.85 2.07
CA ALA C 253 -1.99 -25.75 2.60
C ALA C 253 -1.08 -26.82 2.04
N THR C 254 -1.20 -27.10 0.75
CA THR C 254 -0.34 -28.05 0.08
C THR C 254 0.16 -27.46 -1.24
N CYS C 255 1.47 -27.43 -1.39
CA CYS C 255 2.11 -27.12 -2.67
C CYS C 255 2.54 -28.44 -3.29
N ARG C 256 2.25 -28.61 -4.57
CA ARG C 256 2.64 -29.81 -5.27
C ARG C 256 3.64 -29.43 -6.35
N LEU C 257 4.48 -30.38 -6.73
CA LEU C 257 5.49 -30.15 -7.77
C LEU C 257 5.15 -31.05 -8.95
N PHE C 258 4.24 -30.58 -9.79
CA PHE C 258 3.91 -31.33 -10.99
C PHE C 258 5.07 -31.24 -11.98
N ASP C 259 5.33 -32.35 -12.66
CA ASP C 259 6.37 -32.43 -13.68
C ASP C 259 5.69 -32.61 -15.04
N LEU C 260 6.25 -31.97 -16.07
CA LEU C 260 5.61 -31.97 -17.37
C LEU C 260 5.96 -33.20 -18.20
N ARG C 261 7.21 -33.65 -18.13
CA ARG C 261 7.60 -34.86 -18.86
C ARG C 261 7.09 -36.12 -18.17
N ALA C 262 7.18 -36.16 -16.83
CA ALA C 262 6.59 -37.27 -16.08
C ALA C 262 5.07 -37.21 -16.05
N ASP C 263 4.50 -36.02 -16.29
CA ASP C 263 3.06 -35.78 -16.47
C ASP C 263 2.28 -36.14 -15.20
N GLN C 264 2.87 -35.86 -14.04
CA GLN C 264 2.22 -36.07 -12.74
C GLN C 264 3.00 -35.33 -11.66
N GLU C 265 2.48 -35.41 -10.44
CA GLU C 265 3.06 -34.80 -9.25
C GLU C 265 4.37 -35.50 -8.86
N LEU C 266 5.32 -34.71 -8.35
CA LEU C 266 6.55 -35.24 -7.78
C LEU C 266 6.54 -35.18 -6.25
N MET C 267 6.33 -33.99 -5.68
CA MET C 267 6.37 -33.81 -4.23
C MET C 267 5.08 -33.15 -3.74
N THR C 268 4.92 -33.16 -2.41
CA THR C 268 3.78 -32.56 -1.74
C THR C 268 4.30 -31.73 -0.57
N TYR C 269 4.26 -30.41 -0.72
CA TYR C 269 4.84 -29.50 0.28
C TYR C 269 3.73 -29.09 1.23
N SER C 270 3.56 -29.86 2.31
CA SER C 270 2.48 -29.61 3.26
C SER C 270 2.96 -29.96 4.66
N HIS C 271 2.60 -29.11 5.62
CA HIS C 271 2.95 -29.32 7.02
C HIS C 271 1.68 -29.34 7.85
N ASP C 272 1.76 -29.96 9.03
CA ASP C 272 0.58 -30.20 9.84
C ASP C 272 0.02 -28.92 10.46
N ASN C 273 0.90 -28.04 10.96
CA ASN C 273 0.44 -26.86 11.69
C ASN C 273 -0.21 -25.82 10.78
N ILE C 274 0.07 -25.84 9.48
CA ILE C 274 -0.50 -24.89 8.54
C ILE C 274 -1.70 -25.54 7.83
N ILE C 275 -2.84 -24.85 7.89
CA ILE C 275 -4.07 -25.26 7.21
C ILE C 275 -4.59 -24.17 6.29
N CYS C 276 -3.83 -23.08 6.13
CA CYS C 276 -4.28 -21.87 5.47
C CYS C 276 -4.00 -21.95 3.96
N GLY C 277 -4.47 -20.92 3.24
CA GLY C 277 -4.27 -20.87 1.80
C GLY C 277 -2.85 -20.50 1.41
N ILE C 278 -2.57 -20.61 0.11
CA ILE C 278 -1.25 -20.35 -0.45
C ILE C 278 -1.42 -19.28 -1.51
N THR C 279 -1.17 -18.02 -1.12
CA THR C 279 -1.44 -16.88 -2.00
C THR C 279 -0.49 -16.85 -3.19
N SER C 280 0.81 -17.02 -2.94
CA SER C 280 1.81 -16.92 -4.00
C SER C 280 2.88 -18.00 -3.85
N VAL C 281 3.33 -18.54 -4.98
CA VAL C 281 4.43 -19.48 -5.04
C VAL C 281 5.52 -18.85 -5.90
N SER C 282 6.78 -19.18 -5.63
CA SER C 282 7.89 -18.69 -6.42
C SER C 282 9.06 -19.66 -6.34
N PHE C 283 9.98 -19.52 -7.29
CA PHE C 283 11.21 -20.30 -7.34
C PHE C 283 12.43 -19.39 -7.30
N SER C 284 13.54 -19.94 -6.82
CA SER C 284 14.83 -19.28 -6.90
C SER C 284 15.42 -19.45 -8.30
N LYS C 285 16.64 -18.94 -8.49
CA LYS C 285 17.31 -19.11 -9.78
C LYS C 285 17.73 -20.56 -10.00
N SER C 286 18.30 -21.19 -8.99
CA SER C 286 18.64 -22.61 -9.10
C SER C 286 17.39 -23.48 -9.04
N GLY C 287 16.39 -23.06 -8.28
CA GLY C 287 15.20 -23.86 -8.08
C GLY C 287 15.22 -24.74 -6.86
N ARG C 288 16.27 -24.66 -6.04
CA ARG C 288 16.34 -25.47 -4.82
C ARG C 288 15.34 -24.97 -3.78
N LEU C 289 15.24 -23.66 -3.60
CA LEU C 289 14.29 -23.09 -2.67
C LEU C 289 12.98 -22.81 -3.38
N LEU C 290 11.88 -23.30 -2.81
CA LEU C 290 10.54 -23.03 -3.32
C LEU C 290 9.88 -22.08 -2.33
N LEU C 291 9.77 -20.81 -2.72
CA LEU C 291 9.18 -19.80 -1.87
C LEU C 291 7.66 -19.79 -2.08
N ALA C 292 6.92 -20.10 -1.02
CA ALA C 292 5.46 -20.12 -1.05
C ALA C 292 4.91 -19.13 -0.03
N GLY C 293 4.00 -18.28 -0.47
CA GLY C 293 3.43 -17.30 0.42
C GLY C 293 2.07 -17.68 0.97
N TYR C 294 2.06 -18.09 2.22
CA TYR C 294 0.86 -18.53 2.92
C TYR C 294 0.15 -17.33 3.51
N ASP C 295 -1.18 -17.42 3.62
CA ASP C 295 -1.95 -16.32 4.18
C ASP C 295 -2.19 -16.46 5.69
N ASP C 296 -1.29 -17.13 6.41
CA ASP C 296 -1.23 -17.05 7.86
C ASP C 296 -0.15 -16.06 8.31
N PHE C 297 0.03 -14.98 7.55
CA PHE C 297 0.80 -13.75 7.78
C PHE C 297 2.30 -13.92 7.50
N ASN C 298 2.79 -15.11 7.13
CA ASN C 298 4.22 -15.29 6.89
C ASN C 298 4.45 -16.20 5.69
N CYS C 299 5.72 -16.23 5.25
CA CYS C 299 6.16 -16.99 4.10
C CYS C 299 7.12 -18.10 4.51
N ASN C 300 6.86 -19.31 4.03
CA ASN C 300 7.68 -20.47 4.35
C ASN C 300 8.66 -20.73 3.22
N VAL C 301 9.94 -20.85 3.56
CA VAL C 301 11.00 -21.13 2.58
C VAL C 301 11.09 -22.64 2.47
N TRP C 302 10.29 -23.21 1.56
CA TRP C 302 10.34 -24.65 1.37
C TRP C 302 11.58 -25.07 0.60
N ASP C 303 11.94 -26.33 0.76
CA ASP C 303 12.98 -26.98 -0.02
C ASP C 303 12.30 -27.77 -1.11
N ALA C 304 12.63 -27.48 -2.37
CA ALA C 304 11.92 -28.10 -3.49
C ALA C 304 12.26 -29.58 -3.60
N LEU C 305 13.50 -29.96 -3.34
CA LEU C 305 13.93 -31.35 -3.51
C LEU C 305 13.55 -32.22 -2.32
N LYS C 306 13.44 -31.66 -1.11
CA LYS C 306 13.28 -32.45 0.09
C LYS C 306 11.99 -32.20 0.87
N ALA C 307 11.19 -31.18 0.49
CA ALA C 307 9.96 -30.77 1.19
C ALA C 307 10.22 -30.46 2.66
N ASP C 308 11.30 -29.72 2.92
CA ASP C 308 11.65 -29.29 4.26
C ASP C 308 11.51 -27.78 4.37
N ARG C 309 10.89 -27.32 5.45
CA ARG C 309 10.74 -25.89 5.69
C ARG C 309 12.08 -25.31 6.14
N ALA C 310 12.90 -24.89 5.17
CA ALA C 310 14.23 -24.36 5.45
C ALA C 310 14.17 -23.10 6.30
N GLY C 311 13.26 -22.18 5.98
CA GLY C 311 13.19 -20.91 6.67
C GLY C 311 11.78 -20.37 6.66
N VAL C 312 11.57 -19.32 7.45
CA VAL C 312 10.27 -18.65 7.55
C VAL C 312 10.51 -17.16 7.45
N LEU C 313 9.91 -16.51 6.46
CA LEU C 313 9.92 -15.06 6.33
C LEU C 313 8.73 -14.54 7.13
N ALA C 314 8.99 -14.08 8.35
CA ALA C 314 7.92 -13.75 9.28
C ALA C 314 7.94 -12.29 9.70
N GLY C 315 8.07 -11.38 8.75
CA GLY C 315 8.13 -9.98 9.07
C GLY C 315 6.89 -9.18 8.71
N HIS C 316 5.88 -9.85 8.16
CA HIS C 316 4.67 -9.19 7.69
C HIS C 316 3.54 -9.38 8.69
N ASP C 317 2.84 -8.28 8.99
CA ASP C 317 1.77 -8.32 9.98
C ASP C 317 0.49 -8.90 9.39
N ASN C 318 0.16 -8.52 8.16
CA ASN C 318 -1.00 -9.08 7.47
C ASN C 318 -0.50 -10.07 6.42
N ARG C 319 -1.44 -10.74 5.76
CA ARG C 319 -1.12 -11.90 4.94
C ARG C 319 -0.39 -11.52 3.65
N VAL C 320 0.69 -12.25 3.35
CA VAL C 320 1.47 -12.00 2.14
C VAL C 320 0.68 -12.47 0.92
N SER C 321 0.60 -11.62 -0.09
CA SER C 321 -0.22 -11.92 -1.26
C SER C 321 0.62 -12.33 -2.47
N CYS C 322 1.57 -11.50 -2.89
CA CYS C 322 2.44 -11.82 -4.01
C CYS C 322 3.91 -11.69 -3.64
N LEU C 323 4.68 -12.75 -3.86
CA LEU C 323 6.12 -12.68 -3.71
C LEU C 323 6.83 -13.20 -4.96
N GLY C 324 7.86 -12.46 -5.37
CA GLY C 324 8.62 -12.81 -6.56
C GLY C 324 10.11 -12.77 -6.29
N VAL C 325 10.84 -13.56 -7.06
CA VAL C 325 12.29 -13.62 -7.00
C VAL C 325 12.85 -13.11 -8.32
N THR C 326 13.95 -12.35 -8.24
CA THR C 326 14.58 -11.73 -9.40
C THR C 326 15.12 -12.78 -10.38
N ASP C 327 15.46 -12.31 -11.58
CA ASP C 327 15.99 -13.20 -12.61
C ASP C 327 17.37 -13.71 -12.25
N ASP C 328 18.23 -12.87 -11.65
CA ASP C 328 19.49 -13.36 -11.13
C ASP C 328 19.35 -14.06 -9.79
N GLY C 329 18.17 -14.02 -9.18
CA GLY C 329 17.92 -14.73 -7.94
C GLY C 329 18.41 -14.04 -6.69
N MET C 330 18.62 -12.72 -6.75
CA MET C 330 19.33 -12.04 -5.68
C MET C 330 18.46 -11.89 -4.44
N ALA C 331 17.29 -11.28 -4.57
CA ALA C 331 16.43 -11.02 -3.43
C ALA C 331 14.99 -11.39 -3.75
N VAL C 332 14.28 -11.83 -2.73
CA VAL C 332 12.85 -12.11 -2.81
C VAL C 332 12.07 -11.01 -2.10
N ALA C 333 11.18 -10.36 -2.84
CA ALA C 333 10.37 -9.28 -2.30
C ALA C 333 8.95 -9.82 -2.11
N THR C 334 8.44 -9.72 -0.89
CA THR C 334 7.13 -10.23 -0.53
C THR C 334 6.21 -9.06 -0.20
N GLY C 335 5.04 -9.03 -0.82
CA GLY C 335 4.10 -7.97 -0.54
C GLY C 335 2.84 -8.44 0.14
N SER C 336 2.58 -7.91 1.33
CA SER C 336 1.45 -8.30 2.14
C SER C 336 0.36 -7.22 2.11
N TRP C 337 -0.74 -7.50 2.80
CA TRP C 337 -1.89 -6.60 2.82
C TRP C 337 -1.77 -5.51 3.87
N ASP C 338 -0.67 -5.43 4.61
CA ASP C 338 -0.43 -4.32 5.50
C ASP C 338 0.30 -3.16 4.82
N SER C 339 0.36 -3.18 3.48
CA SER C 339 0.89 -2.12 2.62
C SER C 339 2.40 -1.94 2.78
N PHE C 340 3.13 -3.05 2.89
CA PHE C 340 4.59 -3.02 2.93
C PHE C 340 5.14 -4.09 2.01
N LEU C 341 6.00 -3.68 1.08
CA LEU C 341 6.74 -4.60 0.20
C LEU C 341 8.14 -4.81 0.79
N LYS C 342 8.22 -5.68 1.79
CA LYS C 342 9.53 -6.02 2.33
C LYS C 342 10.33 -6.84 1.33
N ILE C 343 11.62 -6.54 1.23
CA ILE C 343 12.53 -7.25 0.35
C ILE C 343 13.47 -8.09 1.22
N TRP C 344 13.50 -9.38 0.95
CA TRP C 344 14.24 -10.34 1.77
C TRP C 344 15.45 -10.84 0.99
N ASN C 345 16.59 -10.96 1.67
CA ASN C 345 17.80 -11.48 1.05
C ASN C 345 18.62 -12.21 2.10
N GLY C 346 19.28 -13.28 1.68
CA GLY C 346 20.14 -14.03 2.57
C GLY C 346 21.36 -13.25 3.03
N SER C 347 21.85 -13.60 4.20
CA SER C 347 23.03 -12.97 4.78
C SER C 347 24.12 -14.02 4.97
N SER C 348 25.33 -13.69 4.56
CA SER C 348 26.46 -14.62 4.67
C SER C 348 27.03 -14.63 6.07
N THR D 6 -28.58 -29.64 -26.86
CA THR D 6 -27.41 -30.04 -27.65
C THR D 6 -26.13 -29.43 -27.08
N ALA D 7 -26.29 -28.60 -26.04
CA ALA D 7 -25.14 -28.00 -25.38
C ALA D 7 -24.32 -29.05 -24.63
N SER D 8 -25.00 -29.98 -23.96
CA SER D 8 -24.32 -31.05 -23.22
C SER D 8 -23.56 -31.97 -24.16
N ILE D 9 -24.14 -32.28 -25.33
CA ILE D 9 -23.49 -33.15 -26.30
C ILE D 9 -22.23 -32.50 -26.87
N ALA D 10 -22.30 -31.20 -27.20
CA ALA D 10 -21.16 -30.46 -27.74
C ALA D 10 -20.01 -30.40 -26.74
N GLN D 11 -20.33 -30.15 -25.46
CA GLN D 11 -19.31 -30.11 -24.42
C GLN D 11 -18.68 -31.48 -24.21
N ALA D 12 -19.50 -32.54 -24.24
CA ALA D 12 -19.01 -33.90 -24.05
C ALA D 12 -18.04 -34.32 -25.14
N ARG D 13 -18.34 -33.97 -26.41
CA ARG D 13 -17.48 -34.34 -27.53
C ARG D 13 -16.11 -33.67 -27.42
N LYS D 14 -16.07 -32.42 -26.99
CA LYS D 14 -14.81 -31.70 -26.82
C LYS D 14 -13.97 -32.30 -25.71
N LEU D 15 -14.60 -32.63 -24.57
CA LEU D 15 -13.89 -33.20 -23.44
C LEU D 15 -13.29 -34.57 -23.77
N VAL D 16 -14.04 -35.43 -24.46
CA VAL D 16 -13.56 -36.75 -24.84
C VAL D 16 -12.39 -36.64 -25.81
N GLU D 17 -12.50 -35.75 -26.80
CA GLU D 17 -11.45 -35.53 -27.78
C GLU D 17 -10.18 -34.98 -27.11
N GLN D 18 -10.35 -34.08 -26.14
CA GLN D 18 -9.21 -33.48 -25.45
C GLN D 18 -8.43 -34.52 -24.64
N LEU D 19 -9.15 -35.43 -23.97
CA LEU D 19 -8.50 -36.48 -23.18
C LEU D 19 -7.69 -37.43 -24.06
N LYS D 20 -8.21 -37.74 -25.25
CA LYS D 20 -7.51 -38.63 -26.17
C LYS D 20 -6.19 -38.02 -26.64
N MET D 21 -6.18 -36.70 -26.87
CA MET D 21 -4.97 -36.00 -27.29
C MET D 21 -3.87 -36.08 -26.23
N GLU D 22 -4.23 -35.83 -24.97
CA GLU D 22 -3.26 -35.87 -23.88
C GLU D 22 -2.71 -37.28 -23.66
N ALA D 23 -3.56 -38.30 -23.85
CA ALA D 23 -3.16 -39.70 -23.65
C ALA D 23 -2.05 -40.13 -24.61
N ASN D 24 -2.06 -39.60 -25.85
CA ASN D 24 -1.04 -39.99 -26.83
C ASN D 24 0.35 -39.43 -26.52
N ILE D 25 0.45 -38.45 -25.61
CA ILE D 25 1.73 -37.83 -25.30
C ILE D 25 2.62 -38.82 -24.56
N ASP D 26 3.85 -38.99 -25.04
CA ASP D 26 4.79 -39.92 -24.45
C ASP D 26 5.38 -39.30 -23.18
N ARG D 27 5.42 -40.09 -22.11
CA ARG D 27 5.88 -39.63 -20.80
C ARG D 27 7.03 -40.50 -20.32
N ILE D 28 8.08 -39.85 -19.83
CA ILE D 28 9.27 -40.54 -19.34
C ILE D 28 9.05 -40.97 -17.90
N LYS D 29 9.96 -41.81 -17.39
CA LYS D 29 9.89 -42.25 -16.00
C LYS D 29 10.20 -41.10 -15.05
N VAL D 30 9.76 -41.26 -13.80
CA VAL D 30 10.00 -40.23 -12.79
C VAL D 30 11.48 -40.18 -12.42
N SER D 31 12.13 -41.36 -12.31
CA SER D 31 13.54 -41.46 -11.91
C SER D 31 14.45 -40.69 -12.85
N LYS D 32 14.22 -40.80 -14.17
CA LYS D 32 14.98 -40.02 -15.13
C LYS D 32 14.63 -38.54 -15.02
N ALA D 33 13.34 -38.25 -14.88
CA ALA D 33 12.86 -36.87 -14.73
C ALA D 33 13.34 -36.23 -13.43
N ALA D 34 13.33 -36.99 -12.33
CA ALA D 34 13.81 -36.46 -11.04
C ALA D 34 15.30 -36.15 -11.09
N ALA D 35 16.08 -37.03 -11.75
CA ALA D 35 17.52 -36.82 -11.87
C ALA D 35 17.84 -35.57 -12.68
N ASP D 36 17.05 -35.31 -13.73
CA ASP D 36 17.28 -34.13 -14.57
C ASP D 36 16.96 -32.84 -13.81
N LEU D 37 15.87 -32.85 -13.04
CA LEU D 37 15.53 -31.70 -12.21
C LEU D 37 16.58 -31.47 -11.13
N MET D 38 17.08 -32.56 -10.53
CA MET D 38 18.14 -32.47 -9.53
C MET D 38 19.44 -31.99 -10.15
N ALA D 39 19.71 -32.38 -11.41
CA ALA D 39 20.94 -31.97 -12.10
C ALA D 39 21.00 -30.46 -12.30
N TYR D 40 19.85 -29.85 -12.65
CA TYR D 40 19.78 -28.40 -12.83
C TYR D 40 20.12 -27.66 -11.55
N CYS D 41 19.62 -28.17 -10.41
CA CYS D 41 19.90 -27.58 -9.11
C CYS D 41 21.39 -27.63 -8.78
N GLU D 42 22.02 -28.79 -9.00
CA GLU D 42 23.44 -28.95 -8.71
C GLU D 42 24.30 -28.07 -9.62
N ALA D 43 23.93 -27.96 -10.89
CA ALA D 43 24.70 -27.16 -11.85
C ALA D 43 24.68 -25.67 -11.51
N HIS D 44 23.53 -25.16 -11.07
CA HIS D 44 23.36 -23.75 -10.78
C HIS D 44 23.29 -23.46 -9.28
N ALA D 45 23.86 -24.34 -8.46
CA ALA D 45 23.85 -24.13 -7.01
C ALA D 45 24.73 -22.96 -6.60
N LYS D 46 25.89 -22.82 -7.25
CA LYS D 46 26.80 -21.73 -6.90
C LYS D 46 26.28 -20.39 -7.39
N GLU D 47 25.55 -20.37 -8.51
CA GLU D 47 25.06 -19.12 -9.07
C GLU D 47 23.94 -18.51 -8.23
N ASP D 48 23.19 -19.34 -7.51
CA ASP D 48 22.00 -18.88 -6.78
C ASP D 48 22.39 -18.08 -5.54
N PRO D 49 21.95 -16.82 -5.42
CA PRO D 49 22.25 -16.07 -4.20
C PRO D 49 21.43 -16.48 -2.99
N LEU D 50 20.21 -16.99 -3.19
CA LEU D 50 19.38 -17.36 -2.05
C LEU D 50 19.84 -18.68 -1.43
N LEU D 51 20.27 -19.63 -2.27
CA LEU D 51 20.77 -20.91 -1.78
C LEU D 51 22.08 -20.74 -1.02
N THR D 52 23.09 -20.16 -1.66
CA THR D 52 24.32 -19.80 -0.96
C THR D 52 24.44 -18.28 -0.87
N PRO D 53 24.43 -17.71 0.33
CA PRO D 53 24.41 -16.24 0.47
C PRO D 53 25.70 -15.60 -0.01
N VAL D 54 25.56 -14.63 -0.90
CA VAL D 54 26.67 -13.89 -1.48
C VAL D 54 27.28 -12.99 -0.40
N PRO D 55 28.56 -12.61 -0.50
CA PRO D 55 29.11 -11.64 0.45
C PRO D 55 28.49 -10.26 0.27
N ALA D 56 28.64 -9.43 1.32
CA ALA D 56 27.97 -8.14 1.37
C ALA D 56 28.49 -7.17 0.32
N SER D 57 29.77 -7.28 -0.06
CA SER D 57 30.31 -6.45 -1.13
C SER D 57 29.68 -6.80 -2.47
N GLU D 58 29.55 -8.09 -2.77
CA GLU D 58 28.90 -8.51 -4.01
C GLU D 58 27.39 -8.30 -3.95
N ASN D 59 26.81 -8.33 -2.75
CA ASN D 59 25.36 -8.16 -2.58
C ASN D 59 24.97 -6.73 -2.89
N PRO D 60 24.05 -6.49 -3.83
CA PRO D 60 23.55 -5.12 -4.04
C PRO D 60 22.71 -4.61 -2.89
N PHE D 61 22.12 -5.50 -2.09
CA PHE D 61 21.30 -5.12 -0.95
C PHE D 61 22.16 -5.13 0.31
N ARG D 62 22.55 -3.95 0.76
CA ARG D 62 23.32 -3.76 1.98
C ARG D 62 22.53 -2.93 2.97
N GLU D 63 22.65 -3.26 4.25
CA GLU D 63 21.97 -2.54 5.32
C GLU D 63 22.50 -1.11 5.46
N ASP E 1 5.06 16.87 -31.49
CA ASP E 1 5.44 16.20 -30.25
C ASP E 1 5.67 17.23 -29.15
N VAL E 2 6.79 17.11 -28.45
CA VAL E 2 7.15 18.05 -27.39
C VAL E 2 7.79 19.28 -28.02
N GLN E 3 7.56 20.44 -27.42
CA GLN E 3 8.09 21.68 -27.98
C GLN E 3 8.37 22.67 -26.85
N LEU E 4 9.61 23.15 -26.81
CA LEU E 4 10.02 24.23 -25.91
C LEU E 4 10.39 25.43 -26.76
N VAL E 5 9.67 26.54 -26.58
CA VAL E 5 9.98 27.80 -27.27
C VAL E 5 10.05 28.92 -26.23
N GLU E 6 11.25 29.44 -26.02
CA GLU E 6 11.50 30.51 -25.08
C GLU E 6 11.77 31.82 -25.82
N SER E 7 11.16 32.89 -25.33
CA SER E 7 11.29 34.21 -25.94
C SER E 7 11.64 35.23 -24.87
N GLY E 8 12.09 36.40 -25.33
CA GLY E 8 12.45 37.48 -24.44
C GLY E 8 13.93 37.81 -24.42
N GLY E 9 14.30 38.94 -25.01
CA GLY E 9 15.66 39.41 -25.05
C GLY E 9 15.99 39.94 -26.42
N GLY E 10 17.28 40.27 -26.61
CA GLY E 10 17.80 40.72 -27.89
C GLY E 10 18.34 42.14 -27.88
N LEU E 11 17.82 42.99 -27.00
CA LEU E 11 18.30 44.38 -26.87
C LEU E 11 18.18 44.76 -25.40
N VAL E 12 19.26 44.55 -24.65
CA VAL E 12 19.31 44.87 -23.22
C VAL E 12 20.57 45.67 -22.95
N GLN E 13 20.41 46.84 -22.33
CA GLN E 13 21.55 47.62 -21.86
C GLN E 13 22.21 46.91 -20.69
N PRO E 14 23.53 47.08 -20.50
CA PRO E 14 24.20 46.40 -19.37
C PRO E 14 23.76 46.96 -18.03
N GLY E 15 23.39 46.06 -17.13
CA GLY E 15 22.78 46.42 -15.86
C GLY E 15 21.27 46.39 -15.86
N GLY E 16 20.64 46.06 -16.98
CA GLY E 16 19.20 46.00 -17.05
C GLY E 16 18.64 44.69 -16.53
N SER E 17 17.32 44.61 -16.51
CA SER E 17 16.59 43.44 -16.02
C SER E 17 15.72 42.89 -17.15
N ARG E 18 16.07 41.70 -17.65
CA ARG E 18 15.32 41.02 -18.69
C ARG E 18 14.79 39.70 -18.14
N LYS E 19 13.49 39.48 -18.30
CA LYS E 19 12.84 38.26 -17.83
C LYS E 19 12.62 37.32 -19.02
N LEU E 20 13.19 36.12 -18.93
CA LEU E 20 13.04 35.10 -19.97
C LEU E 20 11.90 34.16 -19.62
N SER E 21 10.95 34.02 -20.54
CA SER E 21 9.82 33.13 -20.39
C SER E 21 9.96 31.95 -21.34
N CYS E 22 9.87 30.73 -20.80
CA CYS E 22 9.93 29.50 -21.59
C CYS E 22 8.56 28.82 -21.52
N SER E 23 7.88 28.77 -22.67
CA SER E 23 6.55 28.18 -22.75
C SER E 23 6.68 26.72 -23.16
N ALA E 24 6.21 25.83 -22.30
CA ALA E 24 6.27 24.39 -22.52
C ALA E 24 4.92 23.85 -22.96
N SER E 25 4.91 23.10 -24.06
CA SER E 25 3.71 22.46 -24.54
C SER E 25 4.03 21.05 -25.01
N GLY E 26 3.08 20.14 -24.82
CA GLY E 26 3.18 18.80 -25.35
C GLY E 26 3.75 17.75 -24.43
N PHE E 27 3.98 18.06 -23.15
CA PHE E 27 4.47 17.08 -22.19
C PHE E 27 4.04 17.48 -20.78
N ALA E 28 4.24 16.54 -19.85
CA ALA E 28 3.92 16.75 -18.43
C ALA E 28 5.04 17.58 -17.81
N PHE E 29 4.83 18.91 -17.83
CA PHE E 29 5.86 19.85 -17.39
C PHE E 29 6.21 19.72 -15.92
N SER E 30 5.23 19.31 -15.08
CA SER E 30 5.46 19.22 -13.64
C SER E 30 6.45 18.11 -13.28
N SER E 31 6.53 17.06 -14.09
CA SER E 31 7.41 15.94 -13.76
C SER E 31 8.87 16.27 -14.03
N PHE E 32 9.15 17.04 -15.08
CA PHE E 32 10.53 17.24 -15.52
C PHE E 32 11.23 18.32 -14.70
N GLY E 33 12.55 18.14 -14.54
CA GLY E 33 13.41 19.14 -13.93
C GLY E 33 14.04 20.04 -14.98
N MET E 34 13.64 21.30 -14.95
CA MET E 34 14.06 22.27 -15.97
C MET E 34 15.50 22.75 -15.79
N HIS E 35 16.21 22.88 -16.91
CA HIS E 35 17.57 23.41 -16.96
C HIS E 35 17.67 24.58 -17.93
N TRP E 36 18.41 25.62 -17.52
CA TRP E 36 18.82 26.71 -18.41
C TRP E 36 20.31 26.55 -18.69
N VAL E 37 20.65 26.41 -19.97
CA VAL E 37 22.05 26.33 -20.40
C VAL E 37 22.33 27.49 -21.36
N ARG E 38 23.49 28.13 -21.19
CA ARG E 38 23.86 29.29 -21.98
C ARG E 38 25.03 28.92 -22.89
N GLN E 39 24.99 29.45 -24.12
CA GLN E 39 26.04 29.22 -25.10
C GLN E 39 26.43 30.55 -25.71
N ALA E 40 27.65 31.00 -25.42
CA ALA E 40 28.19 32.21 -26.00
C ALA E 40 28.44 31.99 -27.50
N PRO E 41 28.49 33.07 -28.29
CA PRO E 41 28.80 32.92 -29.73
C PRO E 41 30.20 32.35 -29.97
N GLU E 42 30.23 31.20 -30.64
CA GLU E 42 31.45 30.44 -30.96
C GLU E 42 32.23 30.05 -29.70
N LYS E 43 31.51 29.65 -28.65
CA LYS E 43 32.11 29.20 -27.40
C LYS E 43 31.30 28.04 -26.85
N GLY E 44 31.83 27.41 -25.80
CA GLY E 44 31.20 26.26 -25.20
C GLY E 44 30.00 26.61 -24.33
N LEU E 45 29.23 25.57 -24.02
CA LEU E 45 28.01 25.72 -23.22
C LEU E 45 28.35 25.85 -21.74
N GLU E 46 27.54 26.64 -21.03
CA GLU E 46 27.65 26.77 -19.59
C GLU E 46 26.28 26.57 -18.94
N TRP E 47 26.25 25.86 -17.83
CA TRP E 47 25.02 25.60 -17.09
C TRP E 47 24.64 26.78 -16.21
N VAL E 48 23.39 27.25 -16.32
CA VAL E 48 22.95 28.39 -15.53
C VAL E 48 22.22 27.97 -14.26
N ALA E 49 21.11 27.24 -14.39
CA ALA E 49 20.32 26.89 -13.22
C ALA E 49 19.51 25.62 -13.46
N TYR E 50 19.13 24.98 -12.34
CA TYR E 50 18.22 23.84 -12.30
C TYR E 50 17.17 24.01 -11.22
N ILE E 51 15.90 23.77 -11.58
CA ILE E 51 14.84 23.53 -10.59
C ILE E 51 14.37 22.08 -10.71
N SER E 52 14.25 21.40 -9.58
CA SER E 52 13.69 20.06 -9.53
C SER E 52 12.18 20.09 -9.79
N SER E 53 11.60 18.89 -9.88
CA SER E 53 10.15 18.77 -9.94
C SER E 53 9.54 19.20 -8.61
N GLY E 54 8.60 20.15 -8.67
CA GLY E 54 7.93 20.64 -7.48
C GLY E 54 8.62 21.77 -6.77
N SER E 55 9.66 22.36 -7.37
CA SER E 55 10.41 23.51 -6.84
C SER E 55 11.04 23.23 -5.48
N GLY E 56 11.47 21.99 -5.26
CA GLY E 56 12.07 21.61 -4.00
C GLY E 56 13.50 22.07 -3.83
N THR E 57 14.35 21.74 -4.80
CA THR E 57 15.79 22.03 -4.69
C THR E 57 16.22 22.79 -5.93
N ILE E 58 16.74 23.99 -5.73
CA ILE E 58 17.09 24.92 -6.81
C ILE E 58 18.59 25.15 -6.75
N TYR E 59 19.30 24.74 -7.80
CA TYR E 59 20.74 24.91 -7.90
C TYR E 59 21.09 26.01 -8.91
N TYR E 60 22.07 26.83 -8.55
CA TYR E 60 22.59 27.88 -9.42
C TYR E 60 24.07 27.64 -9.68
N ALA E 61 24.57 28.26 -10.74
CA ALA E 61 26.00 28.24 -11.00
C ALA E 61 26.69 29.34 -10.19
N ASP E 62 28.02 29.23 -10.10
CA ASP E 62 28.79 30.18 -9.31
C ASP E 62 28.84 31.57 -9.95
N THR E 63 28.84 31.65 -11.27
CA THR E 63 28.90 32.95 -11.94
C THR E 63 27.56 33.68 -11.87
N VAL E 64 26.46 32.93 -11.85
CA VAL E 64 25.12 33.52 -11.90
C VAL E 64 24.44 33.53 -10.53
N LYS E 65 25.17 33.16 -9.48
CA LYS E 65 24.58 33.09 -8.14
C LYS E 65 24.30 34.49 -7.60
N GLY E 66 23.09 34.70 -7.09
CA GLY E 66 22.70 35.95 -6.50
C GLY E 66 22.16 36.98 -7.48
N ARG E 67 22.46 36.85 -8.76
CA ARG E 67 21.96 37.78 -9.77
C ARG E 67 20.77 37.25 -10.54
N PHE E 68 20.71 35.94 -10.80
CA PHE E 68 19.64 35.34 -11.58
C PHE E 68 18.76 34.50 -10.67
N THR E 69 17.45 34.55 -10.89
CA THR E 69 16.52 33.69 -10.18
C THR E 69 15.64 32.96 -11.20
N ILE E 70 15.51 31.65 -11.00
CA ILE E 70 14.74 30.77 -11.88
C ILE E 70 13.44 30.41 -11.19
N SER E 71 12.32 30.59 -11.89
CA SER E 71 11.00 30.27 -11.36
C SER E 71 10.20 29.47 -12.38
N ARG E 72 9.34 28.59 -11.89
CA ARG E 72 8.46 27.81 -12.75
C ARG E 72 7.03 27.87 -12.23
N ASP E 73 6.08 28.05 -13.14
CA ASP E 73 4.66 27.95 -12.83
C ASP E 73 4.12 26.68 -13.46
N ASP E 74 3.69 25.74 -12.62
CA ASP E 74 3.22 24.43 -13.08
C ASP E 74 1.86 24.41 -13.79
N PRO E 75 0.81 25.14 -13.36
CA PRO E 75 -0.43 25.12 -14.17
C PRO E 75 -0.30 25.75 -15.54
N LYS E 76 0.39 26.90 -15.66
CA LYS E 76 0.53 27.51 -16.97
C LYS E 76 1.62 26.86 -17.82
N ASN E 77 2.39 25.93 -17.24
CA ASN E 77 3.46 25.18 -17.92
C ASN E 77 4.53 26.12 -18.48
N THR E 78 4.93 27.10 -17.67
CA THR E 78 5.85 28.14 -18.13
C THR E 78 7.04 28.20 -17.18
N LEU E 79 8.25 28.24 -17.76
CA LEU E 79 9.49 28.41 -17.01
C LEU E 79 9.99 29.84 -17.15
N PHE E 80 10.20 30.50 -16.01
CA PHE E 80 10.62 31.90 -15.98
C PHE E 80 12.03 32.02 -15.44
N LEU E 81 12.91 32.69 -16.18
CA LEU E 81 14.22 33.09 -15.68
C LEU E 81 14.26 34.60 -15.60
N GLN E 82 14.35 35.14 -14.39
CA GLN E 82 14.53 36.57 -14.19
C GLN E 82 16.03 36.85 -14.12
N MET E 83 16.52 37.66 -15.05
CA MET E 83 17.93 38.01 -15.14
C MET E 83 18.11 39.48 -14.76
N THR E 84 18.86 39.72 -13.68
CA THR E 84 19.13 41.06 -13.19
C THR E 84 20.63 41.30 -13.11
N SER E 85 21.00 42.58 -13.22
CA SER E 85 22.38 43.07 -13.14
C SER E 85 23.28 42.40 -14.19
N LEU E 86 22.88 42.58 -15.45
CA LEU E 86 23.57 41.93 -16.55
C LEU E 86 24.93 42.57 -16.82
N ARG E 87 25.88 41.74 -17.21
CA ARG E 87 27.25 42.14 -17.48
C ARG E 87 27.55 41.95 -18.96
N SER E 88 28.79 42.28 -19.34
CA SER E 88 29.24 42.04 -20.71
C SER E 88 29.37 40.55 -21.00
N GLU E 89 29.67 39.73 -19.99
CA GLU E 89 29.84 38.30 -20.18
C GLU E 89 28.52 37.58 -20.48
N ASP E 90 27.38 38.17 -20.11
CA ASP E 90 26.08 37.49 -20.20
C ASP E 90 25.47 37.50 -21.60
N THR E 91 26.22 37.85 -22.65
CA THR E 91 25.69 37.72 -24.02
C THR E 91 25.84 36.28 -24.49
N ALA E 92 24.73 35.54 -24.51
CA ALA E 92 24.75 34.16 -24.92
C ALA E 92 23.35 33.76 -25.39
N MET E 93 23.26 32.54 -25.94
CA MET E 93 21.99 31.95 -26.35
C MET E 93 21.51 31.01 -25.25
N TYR E 94 20.37 31.32 -24.65
CA TYR E 94 19.85 30.56 -23.53
C TYR E 94 18.88 29.49 -24.02
N TYR E 95 19.16 28.24 -23.67
CA TYR E 95 18.34 27.09 -24.08
C TYR E 95 17.54 26.57 -22.89
N CYS E 96 16.24 26.39 -23.11
CA CYS E 96 15.33 25.82 -22.11
C CYS E 96 15.38 24.30 -22.24
N VAL E 97 15.90 23.62 -21.22
CA VAL E 97 16.12 22.17 -21.29
C VAL E 97 15.27 21.48 -20.23
N ARG E 98 14.64 20.36 -20.60
CA ARG E 98 13.83 19.56 -19.71
C ARG E 98 14.59 18.26 -19.38
N SER E 99 14.57 17.87 -18.11
CA SER E 99 15.29 16.68 -17.66
C SER E 99 14.42 15.89 -16.68
N ILE E 100 14.45 14.57 -16.82
CA ILE E 100 13.74 13.66 -15.91
C ILE E 100 14.77 12.85 -15.14
N TYR E 101 14.42 12.46 -13.91
CA TYR E 101 15.35 11.77 -13.02
C TYR E 101 14.69 10.55 -12.39
N TYR E 102 15.08 9.36 -12.85
CA TYR E 102 14.77 8.07 -12.24
C TYR E 102 15.77 7.07 -12.81
N TYR E 103 15.65 5.80 -12.39
CA TYR E 103 16.56 4.79 -12.90
C TYR E 103 16.23 4.46 -14.35
N GLY E 104 17.23 4.59 -15.22
CA GLY E 104 17.02 4.39 -16.63
C GLY E 104 16.50 5.60 -17.37
N SER E 105 16.32 6.72 -16.68
CA SER E 105 15.82 7.93 -17.30
C SER E 105 16.89 8.55 -18.20
N SER E 106 16.41 9.35 -19.16
CA SER E 106 17.28 10.11 -20.06
C SER E 106 17.08 11.60 -19.79
N PRO E 107 17.83 12.19 -18.87
CA PRO E 107 17.76 13.64 -18.68
C PRO E 107 18.45 14.35 -19.83
N PHE E 108 18.12 15.65 -19.97
CA PHE E 108 18.63 16.53 -21.03
C PHE E 108 18.26 16.01 -22.42
N ASP E 109 17.13 15.30 -22.53
CA ASP E 109 16.77 14.66 -23.78
C ASP E 109 16.19 15.66 -24.79
N PHE E 110 15.30 16.55 -24.36
CA PHE E 110 14.73 17.54 -25.25
C PHE E 110 15.23 18.93 -24.88
N TRP E 111 15.41 19.76 -25.90
CA TRP E 111 16.13 21.02 -25.81
C TRP E 111 15.32 22.11 -26.49
N GLY E 112 15.35 23.31 -25.90
CA GLY E 112 14.66 24.43 -26.50
C GLY E 112 15.33 24.94 -27.75
N GLN E 113 14.58 25.75 -28.51
CA GLN E 113 15.13 26.36 -29.72
C GLN E 113 16.19 27.39 -29.38
N GLY E 114 15.98 28.15 -28.32
CA GLY E 114 16.97 29.12 -27.87
C GLY E 114 16.58 30.54 -28.22
N THR E 115 16.91 31.46 -27.32
CA THR E 115 16.74 32.89 -27.55
C THR E 115 18.07 33.59 -27.36
N THR E 116 18.32 34.61 -28.17
CA THR E 116 19.57 35.36 -28.13
C THR E 116 19.38 36.60 -27.27
N LEU E 117 20.09 36.65 -26.14
CA LEU E 117 20.19 37.84 -25.30
C LEU E 117 21.60 38.39 -25.47
N THR E 118 21.71 39.53 -26.13
CA THR E 118 22.99 40.20 -26.29
C THR E 118 22.99 41.52 -25.54
N VAL E 119 24.17 41.95 -25.11
CA VAL E 119 24.35 43.16 -24.33
C VAL E 119 25.25 44.11 -25.11
N SER E 120 25.08 45.40 -24.83
CA SER E 120 25.88 46.44 -25.46
C SER E 120 27.03 46.85 -24.55
N SER E 121 28.03 47.51 -25.14
CA SER E 121 29.20 47.96 -24.39
C SER E 121 29.80 49.21 -25.02
N SER E 136 38.01 23.65 -7.65
CA SER E 136 36.67 24.17 -7.38
C SER E 136 35.60 23.19 -7.86
N ASP E 137 35.60 22.91 -9.15
CA ASP E 137 34.64 22.01 -9.77
C ASP E 137 35.35 21.12 -10.78
N ILE E 138 34.60 20.21 -11.37
CA ILE E 138 35.15 19.25 -12.32
C ILE E 138 35.41 19.97 -13.64
N VAL E 139 36.69 20.16 -13.98
CA VAL E 139 37.07 20.86 -15.20
C VAL E 139 37.04 19.86 -16.35
N MET E 140 36.03 19.98 -17.22
CA MET E 140 35.87 19.07 -18.34
C MET E 140 36.64 19.61 -19.54
N THR E 141 37.74 18.96 -19.88
CA THR E 141 38.56 19.35 -21.03
C THR E 141 38.46 18.30 -22.12
N GLN E 142 38.78 18.73 -23.34
CA GLN E 142 38.84 17.85 -24.49
C GLN E 142 40.15 18.09 -25.22
N ALA E 143 40.68 17.02 -25.84
CA ALA E 143 42.02 17.06 -26.41
C ALA E 143 42.07 17.95 -27.65
N THR E 144 41.23 17.68 -28.63
CA THR E 144 41.20 18.46 -29.86
C THR E 144 40.01 19.43 -29.85
N SER E 145 40.07 20.40 -30.75
CA SER E 145 39.01 21.39 -30.91
C SER E 145 38.26 21.28 -32.22
N SER E 146 38.93 20.87 -33.30
CA SER E 146 38.29 20.71 -34.60
C SER E 146 39.08 19.71 -35.42
N VAL E 147 38.38 18.71 -35.97
CA VAL E 147 39.01 17.67 -36.78
C VAL E 147 38.30 17.57 -38.13
N PRO E 148 39.00 17.72 -39.25
CA PRO E 148 38.38 17.52 -40.57
C PRO E 148 38.30 16.04 -40.91
N VAL E 149 37.07 15.53 -41.07
CA VAL E 149 36.83 14.13 -41.37
C VAL E 149 35.78 14.01 -42.47
N THR E 150 35.79 12.86 -43.16
CA THR E 150 34.91 12.51 -44.26
C THR E 150 33.80 11.57 -43.77
N PRO E 151 32.62 11.63 -44.38
CA PRO E 151 31.55 10.70 -44.00
C PRO E 151 31.85 9.28 -44.43
N GLY E 152 31.60 8.33 -43.53
CA GLY E 152 31.80 6.92 -43.80
C GLY E 152 32.92 6.26 -43.04
N GLU E 153 33.68 7.02 -42.24
CA GLU E 153 34.79 6.47 -41.46
C GLU E 153 34.54 6.68 -39.98
N SER E 154 35.19 5.83 -39.17
CA SER E 154 35.02 5.89 -37.73
C SER E 154 35.85 7.04 -37.14
N VAL E 155 35.19 7.90 -36.37
CA VAL E 155 35.82 9.04 -35.72
C VAL E 155 35.65 8.86 -34.21
N SER E 156 36.74 9.04 -33.47
CA SER E 156 36.72 8.95 -32.01
C SER E 156 36.97 10.32 -31.39
N ILE E 157 35.94 10.89 -30.78
CA ILE E 157 36.09 12.12 -30.00
C ILE E 157 36.32 11.76 -28.55
N SER E 158 37.41 12.28 -27.98
CA SER E 158 37.77 12.03 -26.59
C SER E 158 37.31 13.16 -25.69
N CYS E 159 37.30 12.88 -24.39
CA CYS E 159 36.92 13.85 -23.37
C CYS E 159 37.50 13.39 -22.04
N ARG E 160 38.47 14.15 -21.53
CA ARG E 160 39.14 13.83 -20.28
C ARG E 160 38.55 14.65 -19.15
N SER E 161 38.14 13.96 -18.08
CA SER E 161 37.60 14.62 -16.90
C SER E 161 38.69 14.83 -15.86
N SER E 162 38.55 15.90 -15.08
CA SER E 162 39.51 16.15 -14.00
C SER E 162 39.27 15.21 -12.83
N LYS E 163 38.00 15.00 -12.46
CA LYS E 163 37.62 14.09 -11.40
C LYS E 163 37.01 12.83 -12.02
N SER E 164 37.23 11.70 -11.36
CA SER E 164 36.68 10.42 -11.81
C SER E 164 35.16 10.45 -11.70
N LEU E 165 34.48 10.36 -12.85
CA LEU E 165 33.03 10.45 -12.90
C LEU E 165 32.33 9.21 -12.40
N LEU E 166 33.06 8.12 -12.14
CA LEU E 166 32.45 6.90 -11.62
C LEU E 166 32.03 7.12 -10.17
N HIS E 167 30.73 6.97 -9.92
CA HIS E 167 30.15 7.09 -8.60
C HIS E 167 30.06 5.70 -7.97
N SER E 168 29.82 5.68 -6.65
CA SER E 168 29.80 4.42 -5.89
C SER E 168 28.66 3.51 -6.32
N ASN E 169 27.55 4.07 -6.82
CA ASN E 169 26.43 3.25 -7.26
C ASN E 169 26.76 2.45 -8.51
N GLY E 170 27.63 2.95 -9.37
CA GLY E 170 28.15 2.16 -10.47
C GLY E 170 28.26 2.85 -11.81
N ASN E 171 27.34 3.77 -12.10
CA ASN E 171 27.32 4.44 -13.40
C ASN E 171 28.10 5.75 -13.37
N THR E 172 28.76 6.05 -14.50
CA THR E 172 29.52 7.28 -14.66
C THR E 172 28.64 8.28 -15.39
N TYR E 173 28.55 9.50 -14.86
CA TYR E 173 27.61 10.49 -15.38
C TYR E 173 28.34 11.45 -16.33
N LEU E 174 28.59 10.96 -17.54
CA LEU E 174 29.01 11.80 -18.65
C LEU E 174 27.93 11.71 -19.73
N TYR E 175 27.60 12.87 -20.30
CA TYR E 175 26.54 13.00 -21.29
C TYR E 175 27.14 13.58 -22.57
N TRP E 176 26.82 12.97 -23.70
CA TRP E 176 27.24 13.47 -25.01
C TRP E 176 26.09 14.21 -25.67
N PHE E 177 26.36 15.41 -26.14
CA PHE E 177 25.36 16.21 -26.85
C PHE E 177 25.90 16.62 -28.22
N LEU E 178 25.06 16.47 -29.25
CA LEU E 178 25.38 16.89 -30.60
C LEU E 178 24.63 18.18 -30.91
N GLN E 179 25.35 19.21 -31.34
CA GLN E 179 24.75 20.48 -31.76
C GLN E 179 25.10 20.73 -33.22
N ARG E 180 24.08 20.72 -34.07
CA ARG E 180 24.25 21.03 -35.48
C ARG E 180 24.41 22.52 -35.69
N PRO E 181 25.03 22.95 -36.79
CA PRO E 181 25.11 24.39 -37.10
C PRO E 181 23.74 24.98 -37.37
N GLY E 182 23.37 25.99 -36.58
CA GLY E 182 22.07 26.62 -36.69
C GLY E 182 20.93 25.85 -36.08
N GLN E 183 21.22 24.81 -35.28
CA GLN E 183 20.19 24.01 -34.64
C GLN E 183 20.45 23.94 -33.15
N SER E 184 19.50 23.34 -32.44
CA SER E 184 19.57 23.12 -31.01
C SER E 184 20.34 21.85 -30.72
N PRO E 185 21.00 21.75 -29.57
CA PRO E 185 21.64 20.49 -29.17
C PRO E 185 20.62 19.39 -28.91
N GLN E 186 21.11 18.15 -28.92
CA GLN E 186 20.25 17.02 -28.62
C GLN E 186 21.05 15.96 -27.89
N LEU E 187 20.35 15.21 -27.03
CA LEU E 187 20.98 14.08 -26.36
C LEU E 187 21.12 12.92 -27.33
N LEU E 188 22.28 12.29 -27.32
CA LEU E 188 22.46 11.11 -28.16
C LEU E 188 23.07 9.96 -27.36
N ILE E 189 23.85 10.26 -26.32
CA ILE E 189 24.35 9.26 -25.38
C ILE E 189 24.22 9.83 -23.97
N TYR E 190 23.51 9.10 -23.10
CA TYR E 190 23.38 9.47 -21.69
C TYR E 190 23.97 8.37 -20.82
N ARG E 191 24.72 8.81 -19.79
CA ARG E 191 25.43 7.94 -18.84
C ARG E 191 26.44 7.02 -19.54
N MET E 192 27.06 7.55 -20.60
CA MET E 192 28.23 7.10 -21.36
C MET E 192 28.03 5.78 -22.13
N SER E 193 26.92 5.10 -21.93
CA SER E 193 26.71 3.82 -22.57
C SER E 193 25.36 3.72 -23.26
N ASN E 194 24.33 4.33 -22.69
CA ASN E 194 22.97 4.21 -23.21
C ASN E 194 22.74 5.23 -24.31
N LEU E 195 21.76 4.94 -25.16
CA LEU E 195 21.42 5.79 -26.29
C LEU E 195 20.03 6.39 -26.08
N ALA E 196 19.86 7.64 -26.53
CA ALA E 196 18.60 8.35 -26.35
C ALA E 196 17.53 7.82 -27.30
N SER E 197 16.35 8.42 -27.22
CA SER E 197 15.21 8.03 -28.04
C SER E 197 15.26 8.80 -29.35
N GLY E 198 15.62 8.11 -30.44
CA GLY E 198 15.68 8.68 -31.77
C GLY E 198 17.06 8.64 -32.40
N VAL E 199 18.11 8.45 -31.62
CA VAL E 199 19.47 8.40 -32.14
C VAL E 199 19.70 7.02 -32.77
N PRO E 200 20.36 6.93 -33.92
CA PRO E 200 20.70 5.62 -34.48
C PRO E 200 21.81 4.94 -33.71
N ASP E 201 21.97 3.64 -33.98
CA ASP E 201 22.90 2.78 -33.26
C ASP E 201 24.35 2.93 -33.74
N ARG E 202 24.62 3.86 -34.64
CA ARG E 202 25.99 4.09 -35.10
C ARG E 202 26.86 4.74 -34.02
N PHE E 203 26.24 5.45 -33.08
CA PHE E 203 26.96 6.13 -32.02
C PHE E 203 27.16 5.18 -30.84
N SER E 204 28.38 5.13 -30.31
CA SER E 204 28.69 4.26 -29.18
C SER E 204 29.71 4.94 -28.28
N GLY E 205 29.38 5.08 -27.01
CA GLY E 205 30.27 5.67 -26.02
C GLY E 205 30.97 4.62 -25.19
N SER E 206 32.27 4.80 -25.00
CA SER E 206 33.08 3.89 -24.20
C SER E 206 34.04 4.71 -23.34
N GLY E 207 35.04 4.03 -22.77
CA GLY E 207 35.95 4.63 -21.82
C GLY E 207 35.78 4.04 -20.43
N SER E 208 36.65 4.51 -19.53
CA SER E 208 36.70 3.94 -18.17
C SER E 208 37.32 4.95 -17.22
N GLY E 209 36.57 5.32 -16.18
CA GLY E 209 37.05 6.18 -15.11
C GLY E 209 37.08 7.65 -15.40
N THR E 210 38.11 8.12 -16.11
CA THR E 210 38.31 9.55 -16.35
C THR E 210 38.32 9.91 -17.83
N ALA E 211 39.15 9.23 -18.63
CA ALA E 211 39.36 9.61 -20.03
C ALA E 211 38.31 8.90 -20.90
N PHE E 212 37.14 9.52 -20.98
CA PHE E 212 36.03 8.96 -21.72
C PHE E 212 36.13 9.33 -23.20
N THR E 213 35.50 8.51 -24.04
CA THR E 213 35.59 8.67 -25.49
C THR E 213 34.26 8.29 -26.12
N LEU E 214 34.00 8.90 -27.29
CA LEU E 214 32.82 8.60 -28.10
C LEU E 214 33.25 8.12 -29.47
N THR E 215 32.69 7.01 -29.93
CA THR E 215 33.04 6.40 -31.20
C THR E 215 31.80 6.36 -32.09
N ILE E 216 31.90 7.01 -33.25
CA ILE E 216 30.87 6.92 -34.28
C ILE E 216 31.25 5.80 -35.24
N SER E 217 30.29 4.94 -35.57
CA SER E 217 30.55 3.87 -36.53
C SER E 217 30.66 4.43 -37.95
N ARG E 218 29.67 5.22 -38.37
CA ARG E 218 29.63 5.75 -39.73
C ARG E 218 29.00 7.13 -39.71
N LEU E 219 29.72 8.12 -40.24
CA LEU E 219 29.19 9.47 -40.29
C LEU E 219 28.26 9.65 -41.50
N GLU E 220 27.29 10.54 -41.33
CA GLU E 220 26.37 10.89 -42.41
C GLU E 220 26.25 12.40 -42.53
N ALA E 221 25.30 12.87 -43.34
CA ALA E 221 25.09 14.31 -43.46
C ALA E 221 24.44 14.90 -42.22
N GLU E 222 23.72 14.10 -41.44
CA GLU E 222 23.05 14.56 -40.24
C GLU E 222 23.89 14.35 -38.98
N ASP E 223 25.15 13.97 -39.13
CA ASP E 223 26.05 13.76 -37.99
C ASP E 223 27.06 14.87 -37.84
N VAL E 224 27.08 15.85 -38.75
CA VAL E 224 28.02 16.95 -38.65
C VAL E 224 27.57 17.90 -37.56
N GLY E 225 28.53 18.41 -36.78
CA GLY E 225 28.20 19.33 -35.72
C GLY E 225 29.31 19.39 -34.68
N VAL E 226 28.93 19.77 -33.46
CA VAL E 226 29.85 19.95 -32.35
C VAL E 226 29.44 18.99 -31.24
N TYR E 227 30.41 18.29 -30.66
CA TYR E 227 30.18 17.28 -29.65
C TYR E 227 30.65 17.80 -28.29
N TYR E 228 29.74 17.81 -27.32
CA TYR E 228 30.05 18.25 -25.96
C TYR E 228 29.98 17.09 -24.99
N CYS E 229 30.63 17.26 -23.84
CA CYS E 229 30.69 16.20 -22.81
C CYS E 229 30.44 16.81 -21.44
N MET E 230 29.16 16.84 -21.05
CA MET E 230 28.76 17.36 -19.75
C MET E 230 28.97 16.34 -18.64
N GLN E 231 29.60 16.76 -17.55
CA GLN E 231 29.62 15.97 -16.33
C GLN E 231 28.34 16.21 -15.52
N HIS E 232 27.91 15.18 -14.78
CA HIS E 232 26.73 15.33 -13.94
C HIS E 232 26.92 14.62 -12.61
N LEU E 233 28.16 14.52 -12.13
CA LEU E 233 28.39 13.93 -10.82
C LEU E 233 27.93 14.86 -9.71
N GLU E 234 28.23 16.15 -9.83
CA GLU E 234 27.77 17.14 -8.87
C GLU E 234 27.71 18.49 -9.55
N TYR E 235 26.80 19.34 -9.06
CA TYR E 235 26.68 20.69 -9.59
C TYR E 235 27.86 21.54 -9.14
N PRO E 236 28.27 22.54 -9.94
CA PRO E 236 27.82 23.01 -11.26
C PRO E 236 28.15 22.06 -12.42
N LEU E 237 27.25 22.00 -13.39
CA LEU E 237 27.43 21.14 -14.54
C LEU E 237 28.38 21.79 -15.53
N THR E 238 29.40 21.05 -15.95
CA THR E 238 30.49 21.59 -16.76
C THR E 238 30.50 20.94 -18.13
N PHE E 239 30.27 21.73 -19.17
CA PHE E 239 30.46 21.30 -20.54
C PHE E 239 31.91 21.54 -20.95
N GLY E 240 32.45 20.63 -21.76
CA GLY E 240 33.75 20.84 -22.33
C GLY E 240 33.70 21.72 -23.57
N ALA E 241 34.86 22.26 -23.94
CA ALA E 241 34.99 22.99 -25.19
C ALA E 241 34.85 22.00 -26.35
N GLY E 242 33.78 22.14 -27.12
CA GLY E 242 33.35 21.06 -28.00
C GLY E 242 34.23 20.88 -29.22
N THR E 243 34.28 19.63 -29.69
CA THR E 243 34.98 19.28 -30.91
C THR E 243 34.09 19.60 -32.10
N LYS E 244 34.44 20.63 -32.87
CA LYS E 244 33.76 20.89 -34.12
C LYS E 244 34.15 19.86 -35.16
N LEU E 245 33.18 19.42 -35.95
CA LEU E 245 33.42 18.50 -37.05
C LEU E 245 33.03 19.17 -38.37
N GLU E 246 33.91 19.07 -39.36
CA GLU E 246 33.68 19.63 -40.68
C GLU E 246 33.64 18.50 -41.70
N LEU E 247 32.65 18.54 -42.59
CA LEU E 247 32.51 17.51 -43.61
C LEU E 247 33.52 17.71 -44.72
#